data_3TY8
#
_entry.id   3TY8
#
_cell.length_a   60.143
_cell.length_b   94.158
_cell.length_c   76.025
_cell.angle_alpha   90.00
_cell.angle_beta   95.78
_cell.angle_gamma   90.00
#
_symmetry.space_group_name_H-M   'P 1 21 1'
#
loop_
_entity.id
_entity.type
_entity.pdbx_description
1 polymer "Polynucleotide 2',3'-cyclic phosphate phosphodiesterase / polynucleotide 5'-hydroxyl-kinase / polynucleotide 3'-phosphatase"
2 non-polymer GLYCEROL
3 non-polymer 'D(-)-TARTARIC ACID'
4 water water
#
_entity_poly.entity_id   1
_entity_poly.type   'polypeptide(L)'
_entity_poly.pdbx_seq_one_letter_code
;MGHHHHHHHHHHSSGHIEGRHMSRFAADPHWLIYLPPTMSPCETSKKEGMLEHPIEAFEYFRTRGVGKVVCEQKHMGSRA
VVIVCKDSQVAEKRFGVLDGTAGICYTRTGRHFFDDMQLEAELIDRVRKVLDKSGFWGDFNTDWVCLDCELMPWSAKAQK
LLEEQYSAVGISGRVVLDEAVKLLKQASLNKTVSFDVSRQTSGKNADINELLQRFTERSEMMQKYVEAYRKYCWPVNSID
DLKLAPFHILATEGKVHSDKNHIWHMDTIAKYCTQDDSLIMATNHILVDVTDAESVDKGIKWWEDLTASGGEGMVVKPYD
FIVKNGRELLQPAVKCRGREYLRIIYGPEYTMDENIERLRNRAVGKKRSLALREFSLGMEALERFVRNEPLYRVHECVFG
VLALESEPVDPRL
;
_entity_poly.pdbx_strand_id   A,B
#
loop_
_chem_comp.id
_chem_comp.type
_chem_comp.name
_chem_comp.formula
GOL non-polymer GLYCEROL 'C3 H8 O3'
TAR non-polymer 'D(-)-TARTARIC ACID' 'C4 H6 O6'
#
# COMPACT_ATOMS: atom_id res chain seq x y z
N ARG A 20 14.34 5.47 7.49
CA ARG A 20 14.81 6.64 8.22
C ARG A 20 14.28 7.91 7.58
N HIS A 21 13.33 7.75 6.67
CA HIS A 21 12.87 8.85 5.84
C HIS A 21 11.80 9.71 6.51
N MET A 22 11.66 10.94 6.02
CA MET A 22 10.65 11.87 6.51
C MET A 22 9.28 11.55 5.91
N SER A 23 9.28 11.03 4.68
CA SER A 23 8.05 10.66 4.00
C SER A 23 7.26 9.68 4.89
N ARG A 24 7.98 8.77 5.52
CA ARG A 24 7.39 7.81 6.43
C ARG A 24 6.79 8.52 7.65
N PHE A 25 7.41 9.63 8.06
CA PHE A 25 6.95 10.39 9.21
C PHE A 25 5.66 11.14 8.89
N ALA A 26 5.57 11.70 7.68
CA ALA A 26 4.38 12.42 7.23
C ALA A 26 3.87 13.44 8.25
N ALA A 27 4.79 13.96 9.06
CA ALA A 27 4.46 14.91 10.12
C ALA A 27 5.55 15.96 10.24
N ASP A 28 5.28 17.04 10.96
CA ASP A 28 6.27 18.10 11.14
C ASP A 28 7.52 17.54 11.82
N PRO A 29 8.69 17.70 11.18
CA PRO A 29 9.93 17.10 11.68
C PRO A 29 10.36 17.62 13.05
N HIS A 30 9.90 18.81 13.42
CA HIS A 30 10.21 19.39 14.72
C HIS A 30 9.65 18.52 15.85
N TRP A 31 8.63 17.74 15.55
CA TRP A 31 8.02 16.86 16.52
C TRP A 31 8.97 15.71 16.85
N LEU A 32 9.81 15.37 15.89
CA LEU A 32 10.57 14.13 15.95
C LEU A 32 11.79 14.23 16.86
N ILE A 33 11.56 14.21 18.17
CA ILE A 33 12.64 14.38 19.14
C ILE A 33 13.03 13.11 19.88
N TYR A 34 12.38 12.00 19.55
CA TYR A 34 12.63 10.73 20.24
C TYR A 34 12.10 9.53 19.46
N LEU A 35 12.88 8.45 19.47
CA LEU A 35 12.39 7.16 19.02
C LEU A 35 12.81 6.12 20.03
N PRO A 36 11.85 5.32 20.50
CA PRO A 36 12.11 4.25 21.48
C PRO A 36 12.88 3.13 20.82
N PRO A 37 13.68 2.42 21.61
CA PRO A 37 14.50 1.31 21.13
C PRO A 37 13.69 0.04 20.93
N THR A 38 14.23 -0.88 20.14
CA THR A 38 13.69 -2.22 20.07
C THR A 38 13.99 -2.87 21.42
N MET A 39 13.40 -4.03 21.66
CA MET A 39 13.51 -4.66 22.97
C MET A 39 14.09 -6.07 22.83
N SER A 40 14.99 -6.42 23.73
CA SER A 40 15.59 -7.75 23.74
C SER A 40 14.66 -8.77 24.41
N PRO A 41 14.58 -9.98 23.86
CA PRO A 41 13.85 -11.04 24.55
C PRO A 41 14.78 -11.67 25.57
N CYS A 42 14.25 -12.46 26.51
CA CYS A 42 15.09 -13.08 27.53
C CYS A 42 15.80 -14.31 26.98
N GLU A 43 16.85 -14.74 27.66
CA GLU A 43 17.56 -15.95 27.27
C GLU A 43 16.63 -17.15 27.37
N THR A 44 16.83 -18.13 26.51
CA THR A 44 15.89 -19.22 26.40
C THR A 44 15.81 -20.08 27.67
N SER A 45 14.64 -20.70 27.89
CA SER A 45 14.38 -21.42 29.13
C SER A 45 14.77 -22.89 29.08
N LYS A 46 15.23 -23.41 30.21
CA LYS A 46 15.51 -24.84 30.34
C LYS A 46 14.29 -25.59 30.85
N LYS A 47 13.27 -24.84 31.27
CA LYS A 47 12.05 -25.47 31.78
C LYS A 47 11.33 -26.25 30.68
N GLU A 48 10.84 -27.43 31.03
CA GLU A 48 10.21 -28.34 30.05
C GLU A 48 9.12 -27.67 29.22
N GLY A 49 9.29 -27.71 27.90
CA GLY A 49 8.29 -27.19 26.99
C GLY A 49 8.24 -25.68 26.86
N MET A 50 9.23 -24.98 27.41
CA MET A 50 9.25 -23.52 27.43
C MET A 50 10.33 -22.88 26.56
N LEU A 51 9.95 -21.81 25.85
CA LEU A 51 10.92 -21.03 25.10
C LEU A 51 11.33 -19.80 25.91
N GLU A 52 10.35 -19.15 26.52
CA GLU A 52 10.62 -18.01 27.39
C GLU A 52 9.95 -18.20 28.74
N HIS A 53 10.68 -17.87 29.79
CA HIS A 53 10.18 -18.03 31.15
C HIS A 53 10.80 -16.97 32.06
N PRO A 54 9.98 -16.43 32.97
CA PRO A 54 10.37 -15.32 33.86
C PRO A 54 11.71 -15.53 34.55
N ILE A 55 12.04 -16.78 34.84
CA ILE A 55 13.26 -17.09 35.57
C ILE A 55 14.51 -16.54 34.89
N GLU A 56 14.63 -16.71 33.58
CA GLU A 56 15.77 -16.17 32.84
C GLU A 56 15.76 -14.65 32.79
N ALA A 57 14.57 -14.06 32.65
CA ALA A 57 14.47 -12.60 32.68
C ALA A 57 14.95 -12.07 34.02
N PHE A 58 14.55 -12.72 35.11
CA PHE A 58 14.97 -12.32 36.46
C PHE A 58 16.47 -12.56 36.67
N GLU A 59 16.97 -13.67 36.17
CA GLU A 59 18.38 -14.00 36.31
C GLU A 59 19.27 -13.04 35.55
N TYR A 60 18.75 -12.51 34.44
CA TYR A 60 19.54 -11.58 33.66
C TYR A 60 19.98 -10.43 34.55
N PHE A 61 19.02 -9.78 35.20
CA PHE A 61 19.32 -8.65 36.08
C PHE A 61 20.06 -9.07 37.34
N ARG A 62 19.61 -10.14 37.98
CA ARG A 62 20.21 -10.58 39.23
C ARG A 62 21.71 -10.83 39.09
N THR A 63 22.10 -11.51 38.02
CA THR A 63 23.51 -11.83 37.80
C THR A 63 24.28 -10.57 37.47
N ARG A 64 23.57 -9.46 37.29
CA ARG A 64 24.20 -8.20 36.95
C ARG A 64 24.07 -7.19 38.07
N GLY A 65 23.75 -7.69 39.26
CA GLY A 65 23.75 -6.86 40.45
C GLY A 65 22.49 -6.02 40.60
N VAL A 66 21.52 -6.26 39.73
CA VAL A 66 20.22 -5.62 39.87
C VAL A 66 19.30 -6.48 40.73
N GLY A 67 18.91 -5.95 41.90
CA GLY A 67 18.17 -6.71 42.88
C GLY A 67 16.67 -6.58 42.82
N LYS A 68 16.20 -5.51 42.17
CA LYS A 68 14.77 -5.28 42.02
C LYS A 68 14.42 -4.96 40.57
N VAL A 69 13.36 -5.60 40.07
CA VAL A 69 12.88 -5.31 38.73
C VAL A 69 11.41 -4.98 38.80
N VAL A 70 10.93 -4.16 37.87
CA VAL A 70 9.51 -3.90 37.75
C VAL A 70 8.98 -4.66 36.54
N CYS A 71 7.97 -5.48 36.76
CA CYS A 71 7.32 -6.18 35.66
C CYS A 71 6.06 -5.41 35.26
N GLU A 72 5.93 -5.16 33.97
CA GLU A 72 4.76 -4.46 33.47
C GLU A 72 4.07 -5.36 32.46
N GLN A 73 2.74 -5.40 32.51
CA GLN A 73 1.99 -6.23 31.59
C GLN A 73 2.17 -5.70 30.18
N LYS A 74 2.37 -6.61 29.24
CA LYS A 74 2.42 -6.25 27.83
C LYS A 74 1.04 -6.48 27.25
N HIS A 75 0.46 -5.41 26.72
CA HIS A 75 -0.87 -5.47 26.15
C HIS A 75 -0.84 -5.52 24.62
N MET A 76 -1.79 -6.22 24.03
CA MET A 76 -1.99 -6.18 22.60
C MET A 76 -2.03 -4.72 22.16
N GLY A 77 -1.20 -4.36 21.19
CA GLY A 77 -1.11 -3.00 20.71
C GLY A 77 0.28 -2.62 20.25
N SER A 78 0.54 -1.34 20.15
CA SER A 78 1.85 -0.89 19.67
C SER A 78 2.43 0.21 20.53
N ARG A 79 3.75 0.29 20.55
CA ARG A 79 4.40 1.35 21.28
C ARG A 79 4.19 2.67 20.56
N ALA A 80 3.90 3.72 21.31
CA ALA A 80 3.56 5.01 20.73
C ALA A 80 4.21 6.13 21.51
N VAL A 81 4.67 7.15 20.79
CA VAL A 81 5.26 8.32 21.40
C VAL A 81 4.22 9.43 21.33
N VAL A 82 3.84 9.94 22.49
CA VAL A 82 2.83 10.98 22.57
C VAL A 82 3.47 12.21 23.16
N ILE A 83 3.45 13.29 22.39
CA ILE A 83 3.94 14.58 22.85
C ILE A 83 2.77 15.53 22.88
N VAL A 84 2.60 16.22 23.99
CA VAL A 84 1.47 17.12 24.16
C VAL A 84 1.96 18.50 24.58
N CYS A 85 1.46 19.53 23.90
CA CYS A 85 1.73 20.90 24.28
C CYS A 85 0.47 21.57 24.77
N LYS A 86 0.64 22.53 25.67
CA LYS A 86 -0.49 23.25 26.26
C LYS A 86 -1.37 23.87 25.20
N ASP A 87 -0.75 24.38 24.13
CA ASP A 87 -1.48 24.90 22.99
C ASP A 87 -0.62 24.94 21.73
N SER A 88 -1.16 25.52 20.66
CA SER A 88 -0.43 25.61 19.41
C SER A 88 0.70 26.65 19.47
N GLN A 89 0.51 27.71 20.25
CA GLN A 89 1.55 28.72 20.39
C GLN A 89 2.77 28.15 21.12
N VAL A 90 2.52 27.23 22.05
CA VAL A 90 3.60 26.61 22.80
C VAL A 90 4.42 25.68 21.91
N ALA A 91 3.75 25.00 21.00
CA ALA A 91 4.42 24.11 20.06
C ALA A 91 5.34 24.89 19.14
N GLU A 92 4.82 25.97 18.57
CA GLU A 92 5.58 26.77 17.62
C GLU A 92 6.83 27.38 18.23
N LYS A 93 6.66 28.03 19.38
CA LYS A 93 7.77 28.61 20.11
C LYS A 93 8.75 27.55 20.61
N ARG A 94 8.27 26.59 21.39
CA ARG A 94 9.16 25.64 22.05
C ARG A 94 9.74 24.53 21.15
N PHE A 95 8.93 24.00 20.24
CA PHE A 95 9.36 22.88 19.42
C PHE A 95 9.83 23.36 18.05
N GLY A 96 9.32 24.52 17.64
CA GLY A 96 9.63 25.06 16.32
C GLY A 96 8.64 24.60 15.28
N VAL A 97 7.60 23.88 15.72
CA VAL A 97 6.58 23.37 14.82
C VAL A 97 5.94 24.52 14.05
N LEU A 98 5.62 24.27 12.79
CA LEU A 98 5.07 25.32 11.93
C LEU A 98 3.70 24.94 11.36
N ASP A 99 3.34 23.67 11.44
CA ASP A 99 2.11 23.21 10.84
C ASP A 99 0.87 23.49 11.69
N GLY A 100 1.06 24.20 12.79
CA GLY A 100 -0.05 24.62 13.63
C GLY A 100 -0.59 23.59 14.59
N THR A 101 -0.03 22.38 14.56
CA THR A 101 -0.46 21.34 15.51
C THR A 101 0.08 21.63 16.90
N ALA A 102 -0.59 21.09 17.92
CA ALA A 102 -0.20 21.31 19.32
C ALA A 102 0.20 20.02 20.03
N GLY A 103 0.21 18.91 19.31
CA GLY A 103 0.65 17.64 19.84
C GLY A 103 0.85 16.63 18.72
N ILE A 104 1.37 15.46 19.06
CA ILE A 104 1.58 14.42 18.07
C ILE A 104 1.60 13.05 18.72
N CYS A 105 1.15 12.03 17.98
CA CYS A 105 1.24 10.65 18.43
C CYS A 105 1.82 9.81 17.30
N TYR A 106 3.02 9.28 17.50
CA TYR A 106 3.71 8.59 16.42
C TYR A 106 4.35 7.25 16.81
N THR A 107 4.57 6.41 15.80
CA THR A 107 5.06 5.06 16.03
C THR A 107 6.54 4.98 16.40
N ARG A 108 6.97 3.78 16.73
CA ARG A 108 8.36 3.49 16.99
C ARG A 108 9.18 3.63 15.70
N THR A 109 8.56 3.32 14.57
CA THR A 109 9.23 3.41 13.28
C THR A 109 9.18 4.83 12.73
N GLY A 110 8.72 5.77 13.55
CA GLY A 110 8.69 7.16 13.16
C GLY A 110 7.53 7.55 12.29
N ARG A 111 6.49 6.73 12.27
CA ARG A 111 5.32 7.03 11.46
C ARG A 111 4.21 7.69 12.27
N HIS A 112 3.49 8.60 11.65
CA HIS A 112 2.25 9.11 12.20
C HIS A 112 1.34 7.93 12.52
N PHE A 113 0.73 7.92 13.71
CA PHE A 113 -0.18 6.83 14.03
C PHE A 113 -1.49 6.85 13.25
N PHE A 114 -1.99 8.05 12.95
CA PHE A 114 -3.26 8.17 12.26
C PHE A 114 -3.12 8.90 10.94
N ASP A 115 -3.77 8.40 9.90
CA ASP A 115 -3.86 9.16 8.64
C ASP A 115 -4.77 10.37 8.83
N ASP A 116 -5.75 10.24 9.74
CA ASP A 116 -6.69 11.31 10.04
C ASP A 116 -6.15 12.20 11.16
N MET A 117 -5.94 13.47 10.85
CA MET A 117 -5.34 14.41 11.79
C MET A 117 -6.32 14.80 12.88
N GLN A 118 -7.60 14.89 12.53
CA GLN A 118 -8.64 15.18 13.49
C GLN A 118 -8.63 14.12 14.58
N LEU A 119 -8.63 12.86 14.15
CA LEU A 119 -8.59 11.74 15.07
C LEU A 119 -7.38 11.83 16.00
N GLU A 120 -6.23 12.19 15.45
CA GLU A 120 -5.03 12.35 16.26
C GLU A 120 -5.15 13.52 17.23
N ALA A 121 -5.67 14.65 16.73
CA ALA A 121 -5.87 15.84 17.55
C ALA A 121 -6.79 15.53 18.72
N GLU A 122 -7.80 14.71 18.44
CA GLU A 122 -8.77 14.31 19.45
C GLU A 122 -8.09 13.54 20.57
N LEU A 123 -7.26 12.57 20.22
CA LEU A 123 -6.53 11.80 21.21
C LEU A 123 -5.60 12.67 22.04
N ILE A 124 -4.83 13.53 21.35
CA ILE A 124 -3.92 14.48 21.99
C ILE A 124 -4.65 15.42 22.95
N ASP A 125 -5.83 15.90 22.52
CA ASP A 125 -6.59 16.80 23.35
C ASP A 125 -7.13 16.12 24.61
N ARG A 126 -7.54 14.85 24.49
CA ARG A 126 -8.06 14.11 25.64
C ARG A 126 -6.97 13.99 26.68
N VAL A 127 -5.77 13.67 26.22
CA VAL A 127 -4.63 13.57 27.11
C VAL A 127 -4.36 14.91 27.79
N ARG A 128 -4.51 15.99 27.05
CA ARG A 128 -4.31 17.31 27.61
C ARG A 128 -5.29 17.56 28.76
N LYS A 129 -6.56 17.29 28.51
CA LYS A 129 -7.60 17.51 29.52
C LYS A 129 -7.33 16.74 30.82
N VAL A 130 -6.89 15.49 30.70
CA VAL A 130 -6.52 14.71 31.87
C VAL A 130 -5.34 15.35 32.61
N LEU A 131 -4.38 15.88 31.84
CA LEU A 131 -3.22 16.55 32.41
C LEU A 131 -3.60 17.90 33.02
N ASP A 132 -4.64 18.52 32.50
CA ASP A 132 -5.12 19.78 33.08
C ASP A 132 -5.73 19.52 34.44
N LYS A 133 -6.67 18.58 34.49
CA LYS A 133 -7.38 18.25 35.70
C LYS A 133 -6.39 17.88 36.81
N SER A 134 -5.31 17.21 36.41
CA SER A 134 -4.31 16.70 37.34
C SER A 134 -3.42 17.78 37.94
N GLY A 135 -3.29 18.91 37.26
CA GLY A 135 -2.35 19.94 37.66
C GLY A 135 -0.92 19.61 37.25
N PHE A 136 -0.78 18.73 36.27
CA PHE A 136 0.53 18.28 35.80
C PHE A 136 1.44 19.42 35.33
N TRP A 137 0.89 20.34 34.55
CA TRP A 137 1.66 21.45 34.00
C TRP A 137 2.31 22.26 35.12
N GLY A 138 1.51 22.69 36.08
CA GLY A 138 2.01 23.46 37.20
C GLY A 138 3.10 22.73 37.97
N ASP A 139 2.80 21.52 38.40
CA ASP A 139 3.71 20.74 39.22
C ASP A 139 5.07 20.48 38.55
N PHE A 140 5.06 20.29 37.24
CA PHE A 140 6.28 19.98 36.51
C PHE A 140 6.98 21.22 35.95
N ASN A 141 6.37 22.37 36.17
CA ASN A 141 6.89 23.62 35.63
C ASN A 141 7.25 23.42 34.15
N THR A 142 6.32 22.85 33.40
CA THR A 142 6.48 22.57 31.98
C THR A 142 5.19 22.85 31.24
N ASP A 143 5.30 23.23 29.98
CA ASP A 143 4.11 23.41 29.14
C ASP A 143 4.09 22.36 28.03
N TRP A 144 4.91 21.33 28.22
CA TRP A 144 4.96 20.22 27.29
C TRP A 144 5.41 18.94 27.99
N VAL A 145 5.12 17.80 27.36
CA VAL A 145 5.53 16.52 27.90
C VAL A 145 5.68 15.51 26.77
N CYS A 146 6.67 14.63 26.91
CA CYS A 146 6.87 13.55 25.95
C CYS A 146 6.64 12.20 26.64
N LEU A 147 5.60 11.48 26.21
CA LEU A 147 5.22 10.23 26.86
C LEU A 147 5.56 9.00 26.03
N ASP A 148 6.08 7.98 26.70
CA ASP A 148 6.37 6.70 26.07
C ASP A 148 5.19 5.80 26.44
N CYS A 149 4.45 5.31 25.45
CA CYS A 149 3.16 4.65 25.74
C CYS A 149 2.89 3.37 24.97
N GLU A 150 1.87 2.65 25.43
CA GLU A 150 1.23 1.57 24.68
C GLU A 150 -0.08 2.12 24.14
N LEU A 151 -0.31 1.96 22.84
CA LEU A 151 -1.61 2.31 22.27
C LEU A 151 -2.29 0.99 21.92
N MET A 152 -3.55 0.83 22.31
CA MET A 152 -4.21 -0.48 22.37
C MET A 152 -5.63 -0.46 21.82
N PRO A 153 -5.99 -1.50 21.06
CA PRO A 153 -7.37 -1.58 20.59
C PRO A 153 -8.33 -1.83 21.76
N TRP A 154 -9.41 -1.05 21.81
CA TRP A 154 -10.35 -1.08 22.90
C TRP A 154 -11.74 -1.31 22.34
N SER A 155 -12.52 -2.17 23.02
CA SER A 155 -13.88 -2.44 22.58
C SER A 155 -14.81 -1.45 23.26
N ALA A 156 -15.36 -0.54 22.47
CA ALA A 156 -16.29 0.45 23.00
C ALA A 156 -17.58 -0.21 23.50
N LYS A 157 -18.08 -1.19 22.74
CA LYS A 157 -19.31 -1.87 23.12
C LYS A 157 -19.12 -2.63 24.43
N ALA A 158 -18.07 -3.42 24.51
CA ALA A 158 -17.80 -4.24 25.69
C ALA A 158 -17.17 -3.43 26.82
N GLN A 159 -16.84 -2.18 26.54
CA GLN A 159 -16.03 -1.36 27.43
C GLN A 159 -14.89 -2.17 28.09
N LYS A 160 -14.12 -2.90 27.27
CA LYS A 160 -12.91 -3.57 27.74
C LYS A 160 -11.87 -3.68 26.60
N LEU A 161 -10.63 -4.02 26.94
CA LEU A 161 -9.61 -4.23 25.93
C LEU A 161 -10.05 -5.33 24.96
N LEU A 162 -9.81 -5.10 23.68
CA LEU A 162 -10.20 -6.04 22.65
C LEU A 162 -9.57 -7.39 22.90
N GLU A 163 -8.36 -7.41 23.48
CA GLU A 163 -7.67 -8.68 23.69
C GLU A 163 -8.31 -9.51 24.81
N GLU A 164 -9.02 -8.86 25.72
CA GLU A 164 -9.74 -9.60 26.75
C GLU A 164 -11.00 -10.20 26.15
N GLN A 165 -11.60 -9.45 25.24
CA GLN A 165 -12.76 -9.92 24.52
C GLN A 165 -12.43 -11.11 23.62
N TYR A 166 -11.26 -11.10 22.99
CA TYR A 166 -10.81 -12.25 22.22
C TYR A 166 -10.46 -13.43 23.12
N SER A 167 -9.65 -13.19 24.14
CA SER A 167 -9.21 -14.27 25.02
C SER A 167 -10.39 -14.98 25.70
N ALA A 168 -11.44 -14.23 25.98
CA ALA A 168 -12.61 -14.76 26.66
C ALA A 168 -13.28 -15.87 25.87
N VAL A 169 -12.95 -16.02 24.60
CA VAL A 169 -13.54 -17.10 23.80
C VAL A 169 -12.46 -17.94 23.12
N GLY A 170 -11.24 -17.85 23.66
CA GLY A 170 -10.12 -18.58 23.12
C GLY A 170 -9.61 -18.12 21.76
N ILE A 171 -10.01 -16.92 21.34
CA ILE A 171 -9.53 -16.36 20.09
C ILE A 171 -8.19 -15.63 20.27
N SER A 172 -7.22 -15.99 19.44
CA SER A 172 -5.90 -15.35 19.50
C SER A 172 -5.49 -14.83 18.13
N GLY A 173 -4.26 -14.33 18.05
CA GLY A 173 -3.74 -13.82 16.79
C GLY A 173 -3.55 -14.93 15.79
N ARG A 174 -4.03 -16.12 16.13
CA ARG A 174 -3.92 -17.27 15.25
C ARG A 174 -4.71 -17.04 13.97
N VAL A 175 -5.80 -16.29 14.09
CA VAL A 175 -6.65 -16.01 12.94
C VAL A 175 -5.87 -15.26 11.87
N VAL A 176 -5.06 -14.30 12.32
CA VAL A 176 -4.28 -13.48 11.40
C VAL A 176 -3.12 -14.27 10.82
N LEU A 177 -2.39 -14.97 11.68
CA LEU A 177 -1.30 -15.82 11.23
C LEU A 177 -1.74 -16.81 10.16
N ASP A 178 -2.93 -17.40 10.32
CA ASP A 178 -3.50 -18.25 9.28
C ASP A 178 -3.56 -17.50 7.97
N GLU A 179 -3.98 -16.23 8.03
CA GLU A 179 -4.03 -15.37 6.86
C GLU A 179 -2.64 -15.15 6.25
N ALA A 180 -1.64 -14.99 7.12
CA ALA A 180 -0.26 -14.77 6.67
C ALA A 180 0.26 -16.01 5.96
N VAL A 181 0.06 -17.17 6.57
CA VAL A 181 0.45 -18.43 5.95
C VAL A 181 -0.28 -18.64 4.63
N LYS A 182 -1.56 -18.25 4.59
CA LYS A 182 -2.36 -18.41 3.38
C LYS A 182 -1.84 -17.54 2.25
N LEU A 183 -1.40 -16.34 2.61
CA LEU A 183 -0.79 -15.45 1.63
C LEU A 183 0.50 -16.06 1.10
N LEU A 184 1.37 -16.47 2.02
CA LEU A 184 2.67 -17.04 1.67
C LEU A 184 2.56 -18.18 0.65
N LYS A 185 1.63 -19.10 0.89
CA LYS A 185 1.45 -20.24 -0.01
C LYS A 185 1.11 -19.76 -1.41
N GLN A 186 0.18 -18.81 -1.50
CA GLN A 186 -0.26 -18.30 -2.79
C GLN A 186 0.88 -17.61 -3.53
N ALA A 187 1.72 -16.88 -2.79
CA ALA A 187 2.86 -16.21 -3.37
C ALA A 187 3.88 -17.20 -3.91
N SER A 188 3.98 -18.36 -3.28
CA SER A 188 4.92 -19.39 -3.69
C SER A 188 4.58 -19.93 -5.09
N LEU A 189 3.33 -20.32 -5.26
CA LEU A 189 2.85 -20.79 -6.56
C LEU A 189 2.57 -19.63 -7.52
N ASN A 190 2.67 -18.41 -6.98
CA ASN A 190 2.39 -17.19 -7.75
C ASN A 190 0.90 -16.88 -7.83
N ALA A 206 -12.90 -25.66 -17.65
CA ALA A 206 -12.98 -25.42 -16.23
C ALA A 206 -11.60 -25.28 -15.60
N ASP A 207 -10.68 -26.17 -16.00
CA ASP A 207 -9.31 -26.12 -15.52
C ASP A 207 -8.68 -24.75 -15.78
N ILE A 208 -9.12 -24.13 -16.86
CA ILE A 208 -8.62 -22.82 -17.26
C ILE A 208 -9.35 -21.66 -16.57
N ASN A 209 -10.65 -21.85 -16.31
CA ASN A 209 -11.48 -20.81 -15.73
C ASN A 209 -11.12 -20.43 -14.30
N GLU A 210 -10.72 -21.42 -13.51
CA GLU A 210 -10.30 -21.19 -12.13
C GLU A 210 -9.18 -20.16 -12.12
N LEU A 211 -8.34 -20.22 -13.15
CA LEU A 211 -7.18 -19.36 -13.27
C LEU A 211 -7.58 -17.89 -13.45
N LEU A 212 -8.70 -17.67 -14.14
CA LEU A 212 -9.25 -16.32 -14.26
C LEU A 212 -9.46 -15.73 -12.88
N GLN A 213 -10.30 -16.38 -12.08
CA GLN A 213 -10.63 -15.89 -10.74
C GLN A 213 -9.44 -16.00 -9.79
N ARG A 214 -8.55 -16.96 -10.07
CA ARG A 214 -7.32 -17.10 -9.30
C ARG A 214 -6.39 -15.93 -9.60
N PHE A 215 -6.29 -15.61 -10.89
CA PHE A 215 -5.47 -14.48 -11.34
C PHE A 215 -5.85 -13.19 -10.62
N THR A 216 -7.15 -12.87 -10.66
CA THR A 216 -7.66 -11.68 -9.98
C THR A 216 -7.31 -11.71 -8.50
N GLU A 217 -7.31 -12.91 -7.92
CA GLU A 217 -6.97 -13.09 -6.51
C GLU A 217 -5.52 -12.74 -6.24
N ARG A 218 -4.63 -13.18 -7.14
CA ARG A 218 -3.20 -12.87 -7.03
C ARG A 218 -2.93 -11.38 -6.94
N SER A 219 -3.58 -10.62 -7.84
CA SER A 219 -3.38 -9.17 -7.90
C SER A 219 -3.73 -8.46 -6.60
N GLU A 220 -4.71 -8.98 -5.86
CA GLU A 220 -5.18 -8.31 -4.63
C GLU A 220 -5.10 -9.14 -3.34
N MET A 221 -4.26 -10.18 -3.33
CA MET A 221 -4.10 -11.01 -2.14
C MET A 221 -3.43 -10.28 -0.98
N MET A 222 -2.43 -9.46 -1.29
CA MET A 222 -1.71 -8.73 -0.26
C MET A 222 -2.64 -7.75 0.42
N GLN A 223 -3.52 -7.13 -0.37
CA GLN A 223 -4.46 -6.16 0.15
C GLN A 223 -5.46 -6.86 1.06
N LYS A 224 -5.82 -8.07 0.69
CA LYS A 224 -6.74 -8.88 1.50
C LYS A 224 -6.13 -9.18 2.85
N TYR A 225 -4.87 -9.61 2.85
CA TYR A 225 -4.18 -9.93 4.09
C TYR A 225 -4.08 -8.75 5.03
N VAL A 226 -3.68 -7.60 4.52
CA VAL A 226 -3.58 -6.40 5.34
C VAL A 226 -4.92 -6.06 5.96
N GLU A 227 -5.99 -6.21 5.17
CA GLU A 227 -7.34 -5.96 5.65
C GLU A 227 -7.68 -6.90 6.80
N ALA A 228 -7.38 -8.18 6.63
CA ALA A 228 -7.60 -9.15 7.70
C ALA A 228 -6.83 -8.71 8.94
N TYR A 229 -5.59 -8.27 8.73
CA TYR A 229 -4.75 -7.83 9.83
C TYR A 229 -5.35 -6.64 10.54
N ARG A 230 -5.87 -5.68 9.79
CA ARG A 230 -6.48 -4.52 10.42
C ARG A 230 -7.69 -4.93 11.21
N LYS A 231 -8.55 -5.74 10.59
CA LYS A 231 -9.80 -6.16 11.21
C LYS A 231 -9.56 -6.83 12.56
N TYR A 232 -8.58 -7.73 12.62
CA TYR A 232 -8.29 -8.40 13.88
C TYR A 232 -7.55 -7.52 14.90
N CYS A 233 -6.48 -6.84 14.46
CA CYS A 233 -5.60 -6.09 15.35
C CYS A 233 -6.00 -4.65 15.64
N TRP A 234 -6.57 -3.97 14.64
CA TRP A 234 -6.88 -2.56 14.80
C TRP A 234 -8.24 -2.17 14.20
N PRO A 235 -9.33 -2.83 14.67
CA PRO A 235 -10.66 -2.41 14.23
C PRO A 235 -11.07 -1.11 14.90
N VAL A 236 -10.66 0.01 14.30
CA VAL A 236 -10.85 1.33 14.89
C VAL A 236 -11.54 2.26 13.89
N ASN A 237 -12.54 3.02 14.35
CA ASN A 237 -13.20 3.99 13.49
C ASN A 237 -13.34 5.33 14.20
N SER A 238 -12.89 5.35 15.44
CA SER A 238 -13.06 6.50 16.31
C SER A 238 -12.08 6.38 17.45
N ILE A 239 -11.97 7.43 18.26
CA ILE A 239 -11.01 7.44 19.35
C ILE A 239 -11.58 6.66 20.55
N ASP A 240 -12.87 6.39 20.50
CA ASP A 240 -13.51 5.56 21.51
C ASP A 240 -13.13 4.09 21.33
N ASP A 241 -12.35 3.81 20.29
CA ASP A 241 -11.89 2.44 20.02
C ASP A 241 -10.47 2.20 20.47
N LEU A 242 -9.89 3.16 21.19
CA LEU A 242 -8.49 3.09 21.58
C LEU A 242 -8.30 3.27 23.08
N LYS A 243 -7.12 2.88 23.56
CA LYS A 243 -6.73 3.11 24.94
C LYS A 243 -5.24 3.40 24.97
N LEU A 244 -4.84 4.36 25.79
CA LEU A 244 -3.44 4.72 25.90
C LEU A 244 -2.95 4.38 27.29
N ALA A 245 -1.84 3.66 27.36
CA ALA A 245 -1.21 3.37 28.62
C ALA A 245 0.23 3.89 28.63
N PRO A 246 0.43 5.10 29.17
CA PRO A 246 1.80 5.63 29.24
C PRO A 246 2.61 4.82 30.25
N PHE A 247 3.87 4.54 29.95
CA PHE A 247 4.73 3.86 30.92
C PHE A 247 6.00 4.63 31.29
N HIS A 248 6.31 5.64 30.48
CA HIS A 248 7.46 6.50 30.76
C HIS A 248 7.02 7.94 30.63
N ILE A 249 7.26 8.74 31.66
CA ILE A 249 7.26 10.17 31.46
C ILE A 249 8.70 10.53 31.06
N LEU A 250 8.93 10.64 29.76
CA LEU A 250 10.28 10.78 29.23
C LEU A 250 10.90 12.14 29.54
N ALA A 251 10.18 13.20 29.23
CA ALA A 251 10.78 14.52 29.35
C ALA A 251 9.76 15.62 29.50
N THR A 252 10.19 16.64 30.25
CA THR A 252 9.43 17.86 30.40
C THR A 252 10.43 18.99 30.36
N GLU A 253 9.94 20.22 30.46
CA GLU A 253 10.80 21.39 30.36
C GLU A 253 12.04 21.28 31.24
N GLY A 254 13.19 21.26 30.59
CA GLY A 254 14.47 21.29 31.29
C GLY A 254 14.88 20.02 31.99
N LYS A 255 14.18 18.92 31.72
CA LYS A 255 14.47 17.70 32.44
C LYS A 255 14.08 16.42 31.68
N VAL A 256 15.04 15.51 31.57
CA VAL A 256 14.79 14.15 31.14
C VAL A 256 14.70 13.28 32.39
N HIS A 257 13.67 12.46 32.48
CA HIS A 257 13.43 11.75 33.71
C HIS A 257 14.02 10.34 33.73
N SER A 258 15.15 10.18 33.04
CA SER A 258 15.89 8.93 33.05
C SER A 258 16.57 8.68 34.38
N ASP A 259 16.47 9.64 35.31
CA ASP A 259 16.98 9.43 36.66
C ASP A 259 15.91 8.83 37.59
N LYS A 260 14.66 8.95 37.19
CA LYS A 260 13.55 8.42 37.97
C LYS A 260 13.40 6.90 37.77
N ASN A 261 13.22 6.17 38.87
CA ASN A 261 13.01 4.73 38.80
C ASN A 261 11.62 4.41 38.23
N HIS A 262 11.39 3.16 37.83
CA HIS A 262 10.11 2.83 37.18
C HIS A 262 8.87 2.85 38.08
N ILE A 263 9.05 2.71 39.38
CA ILE A 263 7.91 2.86 40.28
C ILE A 263 7.45 4.31 40.26
N TRP A 264 8.40 5.24 40.16
CA TRP A 264 8.09 6.65 40.05
C TRP A 264 7.28 6.92 38.80
N HIS A 265 7.69 6.31 37.70
CA HIS A 265 7.02 6.51 36.43
C HIS A 265 5.60 5.97 36.51
N MET A 266 5.47 4.72 36.95
CA MET A 266 4.16 4.11 37.15
C MET A 266 3.26 4.97 38.06
N ASP A 267 3.75 5.33 39.24
CA ASP A 267 2.94 6.11 40.18
C ASP A 267 2.66 7.55 39.71
N THR A 268 3.67 8.21 39.16
CA THR A 268 3.46 9.58 38.68
C THR A 268 2.51 9.59 37.50
N ILE A 269 2.67 8.62 36.62
CA ILE A 269 1.71 8.41 35.54
C ILE A 269 0.32 8.16 36.14
N ALA A 270 0.24 7.20 37.06
CA ALA A 270 -1.01 6.91 37.73
C ALA A 270 -1.65 8.18 38.26
N LYS A 271 -0.86 8.97 38.97
CA LYS A 271 -1.36 10.16 39.65
C LYS A 271 -1.83 11.26 38.69
N TYR A 272 -1.02 11.54 37.67
CA TYR A 272 -1.33 12.66 36.76
C TYR A 272 -2.20 12.30 35.55
N CYS A 273 -2.09 11.08 35.07
CA CYS A 273 -2.81 10.67 33.86
C CYS A 273 -3.96 9.72 34.10
N THR A 274 -3.73 8.67 34.88
CA THR A 274 -4.69 7.58 34.98
C THR A 274 -5.83 7.89 35.92
N GLN A 275 -5.56 8.66 36.98
CA GLN A 275 -6.54 8.88 38.02
C GLN A 275 -7.74 9.69 37.52
N ASP A 276 -8.24 9.29 36.36
CA ASP A 276 -9.38 9.93 35.71
C ASP A 276 -10.09 8.89 34.86
N ASP A 277 -11.41 8.77 35.02
CA ASP A 277 -12.21 7.89 34.17
C ASP A 277 -12.11 8.41 32.75
N SER A 278 -11.22 7.83 31.96
CA SER A 278 -10.84 8.44 30.70
C SER A 278 -10.10 7.48 29.80
N LEU A 279 -9.61 8.01 28.68
CA LEU A 279 -8.92 7.20 27.68
C LEU A 279 -7.61 6.62 28.21
N ILE A 280 -7.08 7.20 29.28
CA ILE A 280 -5.78 6.76 29.80
C ILE A 280 -5.92 5.63 30.81
N MET A 281 -5.13 4.59 30.59
CA MET A 281 -5.25 3.37 31.36
C MET A 281 -3.99 3.17 32.19
N ALA A 282 -4.16 2.84 33.46
CA ALA A 282 -3.00 2.52 34.28
C ALA A 282 -2.41 1.21 33.78
N THR A 283 -1.13 0.99 34.08
CA THR A 283 -0.42 -0.20 33.62
C THR A 283 -0.27 -1.21 34.75
N ASN A 284 -0.77 -2.41 34.52
CA ASN A 284 -0.62 -3.50 35.47
C ASN A 284 0.85 -3.83 35.72
N HIS A 285 1.32 -3.60 36.94
CA HIS A 285 2.74 -3.83 37.23
C HIS A 285 2.98 -4.38 38.64
N ILE A 286 4.07 -5.10 38.81
CA ILE A 286 4.48 -5.58 40.13
C ILE A 286 5.97 -5.37 40.33
N LEU A 287 6.40 -5.37 41.59
CA LEU A 287 7.80 -5.21 41.90
C LEU A 287 8.35 -6.56 42.33
N VAL A 288 9.45 -6.99 41.72
CA VAL A 288 10.00 -8.29 42.05
C VAL A 288 11.43 -8.19 42.56
N ASP A 289 11.66 -8.76 43.74
CA ASP A 289 13.00 -8.85 44.29
C ASP A 289 13.66 -10.11 43.75
N VAL A 290 14.67 -9.94 42.90
CA VAL A 290 15.28 -11.06 42.19
C VAL A 290 16.24 -11.87 43.05
N THR A 291 16.47 -11.43 44.28
CA THR A 291 17.29 -12.19 45.22
C THR A 291 16.44 -13.08 46.12
N ASP A 292 15.15 -12.76 46.20
CA ASP A 292 14.24 -13.45 47.11
C ASP A 292 13.45 -14.53 46.39
N ALA A 293 13.62 -15.77 46.83
CA ALA A 293 12.94 -16.91 46.22
C ALA A 293 11.42 -16.74 46.22
N GLU A 294 10.89 -16.25 47.33
CA GLU A 294 9.45 -16.03 47.46
C GLU A 294 8.98 -14.97 46.48
N SER A 295 9.74 -13.88 46.36
CA SER A 295 9.36 -12.79 45.46
C SER A 295 9.40 -13.25 44.00
N VAL A 296 10.38 -14.08 43.68
CA VAL A 296 10.48 -14.63 42.34
C VAL A 296 9.27 -15.51 42.00
N ASP A 297 8.88 -16.38 42.93
CA ASP A 297 7.71 -17.24 42.73
C ASP A 297 6.42 -16.45 42.51
N LYS A 298 6.34 -15.31 43.19
CA LYS A 298 5.19 -14.43 43.08
C LYS A 298 5.17 -13.80 41.68
N GLY A 299 6.34 -13.40 41.20
CA GLY A 299 6.48 -12.88 39.86
C GLY A 299 6.08 -13.91 38.82
N ILE A 300 6.58 -15.14 39.00
CA ILE A 300 6.24 -16.23 38.09
C ILE A 300 4.74 -16.42 38.01
N LYS A 301 4.10 -16.55 39.16
CA LYS A 301 2.66 -16.80 39.23
C LYS A 301 1.89 -15.67 38.55
N TRP A 302 2.32 -14.44 38.83
CA TRP A 302 1.68 -13.27 38.27
C TRP A 302 1.71 -13.41 36.75
N TRP A 303 2.90 -13.64 36.22
CA TRP A 303 3.09 -13.88 34.80
C TRP A 303 2.28 -15.05 34.27
N GLU A 304 2.17 -16.11 35.06
CA GLU A 304 1.45 -17.30 34.60
C GLU A 304 -0.05 -17.04 34.46
N ASP A 305 -0.62 -16.31 35.40
CA ASP A 305 -2.05 -15.99 35.36
C ASP A 305 -2.33 -15.07 34.19
N LEU A 306 -1.45 -14.11 34.00
CA LEU A 306 -1.53 -13.14 32.94
C LEU A 306 -1.47 -13.82 31.57
N THR A 307 -0.60 -14.82 31.43
CA THR A 307 -0.41 -15.46 30.15
C THR A 307 -1.39 -16.61 29.88
N ALA A 308 -1.94 -17.18 30.94
CA ALA A 308 -2.91 -18.26 30.81
C ALA A 308 -4.06 -17.84 29.90
N SER A 309 -4.71 -16.73 30.27
CA SER A 309 -5.91 -16.24 29.57
C SER A 309 -5.82 -16.23 28.03
N GLY A 310 -4.86 -15.53 27.46
CA GLY A 310 -3.83 -14.81 28.21
C GLY A 310 -3.05 -13.80 27.39
N GLY A 311 -2.59 -12.76 28.07
CA GLY A 311 -1.85 -11.69 27.44
C GLY A 311 -0.62 -12.17 26.69
N GLU A 312 0.12 -11.21 26.14
CA GLU A 312 1.38 -11.50 25.45
C GLU A 312 2.49 -11.78 26.45
N GLY A 313 2.25 -11.40 27.69
CA GLY A 313 3.26 -11.60 28.71
C GLY A 313 3.61 -10.31 29.42
N MET A 314 4.91 -10.09 29.62
CA MET A 314 5.34 -8.92 30.37
C MET A 314 6.65 -8.34 29.85
N VAL A 315 6.94 -7.14 30.32
CA VAL A 315 8.22 -6.52 30.10
C VAL A 315 8.88 -6.36 31.46
N VAL A 316 10.13 -6.80 31.58
CA VAL A 316 10.83 -6.74 32.85
C VAL A 316 11.90 -5.64 32.76
N LYS A 317 11.80 -4.67 33.66
CA LYS A 317 12.75 -3.55 33.68
C LYS A 317 13.51 -3.51 35.00
N PRO A 318 14.76 -3.08 34.96
CA PRO A 318 15.47 -2.89 36.23
C PRO A 318 14.78 -1.77 36.99
N TYR A 319 14.95 -1.72 38.31
CA TYR A 319 14.26 -0.73 39.11
C TYR A 319 14.56 0.66 38.58
N ASP A 320 15.86 0.98 38.50
CA ASP A 320 16.33 2.26 37.96
C ASP A 320 16.29 2.29 36.44
N PHE A 321 15.89 3.44 35.90
CA PHE A 321 15.80 3.62 34.45
C PHE A 321 17.13 3.25 33.79
N ILE A 322 18.20 3.82 34.33
CA ILE A 322 19.56 3.56 33.86
C ILE A 322 20.40 2.90 34.94
N VAL A 323 20.88 1.71 34.65
CA VAL A 323 21.76 1.00 35.57
C VAL A 323 22.96 0.49 34.78
N LYS A 324 24.16 0.76 35.30
CA LYS A 324 25.38 0.49 34.55
C LYS A 324 26.36 -0.39 35.31
N ASN A 325 26.03 -1.67 35.44
CA ASN A 325 26.95 -2.63 36.05
C ASN A 325 28.33 -2.56 35.39
N GLY A 326 29.38 -2.38 36.19
CA GLY A 326 30.70 -2.13 35.64
C GLY A 326 30.65 -0.91 34.73
N ARG A 327 31.46 -0.91 33.68
CA ARG A 327 31.39 0.14 32.67
C ARG A 327 30.19 -0.14 31.74
N GLU A 328 29.81 -1.42 31.68
CA GLU A 328 28.74 -1.89 30.80
C GLU A 328 27.33 -1.49 31.23
N LEU A 329 26.46 -1.27 30.26
CA LEU A 329 25.08 -0.89 30.53
C LEU A 329 24.16 -2.11 30.37
N LEU A 330 23.20 -2.24 31.28
CA LEU A 330 22.26 -3.35 31.25
C LEU A 330 21.10 -3.04 30.30
N GLN A 331 20.44 -4.08 29.82
CA GLN A 331 19.26 -3.89 28.99
C GLN A 331 18.24 -3.08 29.77
N PRO A 332 17.68 -2.05 29.14
CA PRO A 332 16.62 -1.23 29.76
C PRO A 332 15.34 -2.03 29.98
N ALA A 333 15.16 -3.10 29.22
CA ALA A 333 13.92 -3.86 29.26
C ALA A 333 14.06 -5.21 28.55
N VAL A 334 13.71 -6.28 29.26
CA VAL A 334 13.72 -7.59 28.65
C VAL A 334 12.30 -8.11 28.54
N LYS A 335 11.94 -8.70 27.40
CA LYS A 335 10.59 -9.25 27.27
C LYS A 335 10.48 -10.75 27.54
N CYS A 336 9.37 -11.12 28.15
CA CYS A 336 9.08 -12.50 28.50
C CYS A 336 7.65 -12.77 28.03
N ARG A 337 7.52 -13.44 26.90
CA ARG A 337 6.25 -13.60 26.22
C ARG A 337 5.58 -14.93 26.56
N GLY A 338 4.24 -14.91 26.55
CA GLY A 338 3.46 -16.06 26.95
C GLY A 338 3.67 -17.26 26.06
N ARG A 339 3.62 -18.44 26.68
CA ARG A 339 3.83 -19.69 25.95
C ARG A 339 2.87 -19.83 24.77
N GLU A 340 1.60 -19.56 25.02
CA GLU A 340 0.59 -19.65 23.96
C GLU A 340 0.79 -18.58 22.90
N TYR A 341 1.01 -17.35 23.35
CA TYR A 341 1.22 -16.24 22.44
C TYR A 341 2.35 -16.52 21.44
N LEU A 342 3.45 -17.06 21.94
CA LEU A 342 4.60 -17.37 21.09
C LEU A 342 4.27 -18.36 19.99
N ARG A 343 3.08 -18.97 20.04
CA ARG A 343 2.67 -19.87 18.96
C ARG A 343 2.37 -19.08 17.71
N ILE A 344 1.81 -17.89 17.89
CA ILE A 344 1.61 -16.98 16.77
C ILE A 344 2.97 -16.60 16.15
N ILE A 345 3.89 -16.17 17.01
CA ILE A 345 5.22 -15.75 16.58
C ILE A 345 6.08 -16.83 15.93
N TYR A 346 6.20 -17.97 16.60
CA TYR A 346 7.08 -19.03 16.13
C TYR A 346 6.36 -20.12 15.38
N GLY A 347 5.04 -20.11 15.44
CA GLY A 347 4.25 -21.21 14.91
C GLY A 347 3.70 -22.05 16.04
N PRO A 348 2.64 -22.84 15.76
CA PRO A 348 1.99 -23.68 16.77
C PRO A 348 2.80 -24.92 17.15
N GLU A 349 3.61 -25.43 16.22
CA GLU A 349 4.33 -26.66 16.45
C GLU A 349 5.67 -26.45 17.13
N TYR A 350 5.93 -25.22 17.57
CA TYR A 350 7.24 -24.87 18.11
C TYR A 350 7.60 -25.59 19.41
N THR A 351 6.61 -26.08 20.13
CA THR A 351 6.85 -26.70 21.44
C THR A 351 7.55 -28.07 21.36
N MET A 352 7.16 -28.89 20.38
CA MET A 352 7.90 -30.11 20.07
C MET A 352 9.35 -29.69 19.82
N ASP A 353 10.31 -30.56 20.12
CA ASP A 353 11.71 -30.13 20.13
C ASP A 353 12.71 -30.93 19.27
N GLU A 354 13.34 -30.25 18.32
CA GLU A 354 12.98 -28.89 17.87
C GLU A 354 13.16 -27.70 18.85
N ASN A 355 12.56 -27.80 20.03
CA ASN A 355 12.63 -26.75 21.03
C ASN A 355 14.07 -26.49 21.44
N ILE A 356 14.86 -27.56 21.54
CA ILE A 356 16.27 -27.44 21.89
C ILE A 356 17.01 -26.64 20.82
N GLU A 357 16.62 -26.81 19.56
CA GLU A 357 17.14 -25.96 18.49
C GLU A 357 16.87 -24.52 18.85
N ARG A 358 15.64 -24.25 19.30
CA ARG A 358 15.18 -22.91 19.63
C ARG A 358 15.93 -22.29 20.80
N LEU A 359 16.31 -23.14 21.76
CA LEU A 359 17.09 -22.72 22.93
C LEU A 359 18.47 -22.21 22.53
N ARG A 360 19.23 -23.07 21.86
CA ARG A 360 20.58 -22.72 21.43
C ARG A 360 20.55 -21.91 20.15
N ASN A 361 19.36 -21.68 19.62
CA ASN A 361 19.19 -20.97 18.35
C ASN A 361 19.58 -19.51 18.45
N ARG A 362 19.23 -18.90 19.57
CA ARG A 362 19.48 -17.50 19.80
C ARG A 362 20.71 -17.39 20.70
N ALA A 363 21.76 -16.67 20.26
CA ALA A 363 21.81 -15.89 19.01
C ALA A 363 20.95 -14.64 19.12
N VAL A 364 21.11 -13.95 20.24
CA VAL A 364 20.40 -12.71 20.52
C VAL A 364 21.40 -11.57 20.59
N GLY A 365 22.68 -11.92 20.64
CA GLY A 365 23.73 -10.94 20.83
C GLY A 365 23.43 -9.67 20.07
N LYS A 366 23.30 -9.78 18.75
CA LYS A 366 23.11 -8.61 17.90
C LYS A 366 21.86 -7.83 18.29
N LYS A 367 20.76 -8.53 18.56
CA LYS A 367 19.53 -7.88 18.99
C LYS A 367 19.78 -7.13 20.29
N ARG A 368 20.40 -7.83 21.23
CA ARG A 368 20.76 -7.28 22.52
C ARG A 368 21.63 -6.02 22.35
N SER A 369 22.60 -6.09 21.46
CA SER A 369 23.48 -4.97 21.21
C SER A 369 22.78 -3.82 20.51
N LEU A 370 21.90 -4.13 19.56
CA LEU A 370 21.13 -3.11 18.85
C LEU A 370 20.24 -2.37 19.82
N ALA A 371 19.54 -3.13 20.65
CA ALA A 371 18.60 -2.53 21.58
C ALA A 371 19.34 -1.56 22.47
N LEU A 372 20.51 -1.98 22.94
CA LEU A 372 21.30 -1.16 23.84
C LEU A 372 21.75 0.12 23.15
N ARG A 373 22.28 -0.02 21.93
CA ARG A 373 22.73 1.16 21.19
C ARG A 373 21.57 2.12 20.92
N GLU A 374 20.41 1.58 20.57
CA GLU A 374 19.29 2.45 20.27
C GLU A 374 18.84 3.20 21.52
N PHE A 375 18.95 2.56 22.67
CA PHE A 375 18.51 3.16 23.92
C PHE A 375 19.32 4.42 24.20
N SER A 376 20.64 4.30 24.14
CA SER A 376 21.51 5.45 24.36
C SER A 376 21.20 6.59 23.39
N LEU A 377 21.10 6.28 22.11
CA LEU A 377 20.78 7.30 21.13
C LEU A 377 19.50 8.03 21.52
N GLY A 378 18.44 7.27 21.81
CA GLY A 378 17.16 7.83 22.21
C GLY A 378 17.27 8.82 23.36
N MET A 379 17.98 8.43 24.42
CA MET A 379 18.23 9.31 25.57
C MET A 379 18.99 10.58 25.17
N GLU A 380 20.00 10.43 24.33
CA GLU A 380 20.82 11.57 23.91
C GLU A 380 19.97 12.56 23.13
N ALA A 381 19.07 12.02 22.32
CA ALA A 381 18.13 12.84 21.55
C ALA A 381 17.31 13.75 22.47
N LEU A 382 16.89 13.22 23.62
CA LEU A 382 16.07 13.97 24.56
C LEU A 382 16.89 14.93 25.41
N GLU A 383 18.13 14.55 25.71
CA GLU A 383 19.02 15.43 26.45
C GLU A 383 19.37 16.64 25.57
N ARG A 384 19.62 16.39 24.30
CA ARG A 384 19.94 17.47 23.38
C ARG A 384 18.74 18.40 23.19
N PHE A 385 17.54 17.84 23.06
CA PHE A 385 16.35 18.65 22.91
C PHE A 385 16.10 19.49 24.15
N VAL A 386 16.27 18.87 25.31
CA VAL A 386 15.99 19.52 26.59
C VAL A 386 16.93 20.70 26.85
N ARG A 387 18.15 20.62 26.33
CA ARG A 387 19.09 21.71 26.51
C ARG A 387 19.11 22.60 25.27
N ASN A 388 18.05 22.51 24.48
CA ASN A 388 17.82 23.44 23.38
C ASN A 388 18.94 23.44 22.35
N GLU A 389 19.44 22.26 22.02
CA GLU A 389 20.40 22.13 20.92
C GLU A 389 19.64 22.21 19.59
N PRO A 390 20.37 22.50 18.51
CA PRO A 390 19.68 22.62 17.22
C PRO A 390 18.98 21.34 16.85
N LEU A 391 17.90 21.47 16.07
CA LEU A 391 17.09 20.34 15.67
C LEU A 391 17.90 19.25 14.98
N TYR A 392 18.85 19.65 14.15
CA TYR A 392 19.62 18.66 13.40
C TYR A 392 20.42 17.77 14.36
N ARG A 393 20.86 18.35 15.47
CA ARG A 393 21.56 17.58 16.51
C ARG A 393 20.65 16.52 17.10
N VAL A 394 19.39 16.87 17.33
CA VAL A 394 18.42 15.94 17.90
C VAL A 394 18.10 14.80 16.94
N HIS A 395 17.85 15.15 15.69
CA HIS A 395 17.52 14.18 14.64
C HIS A 395 18.66 13.20 14.40
N GLU A 396 19.88 13.66 14.64
CA GLU A 396 21.09 12.87 14.42
C GLU A 396 21.02 11.58 15.24
N CYS A 397 20.65 11.71 16.51
CA CYS A 397 20.49 10.54 17.35
C CYS A 397 19.28 9.74 16.90
N VAL A 398 18.18 10.43 16.68
CA VAL A 398 16.94 9.79 16.25
C VAL A 398 17.09 8.93 15.00
N PHE A 399 17.63 9.52 13.92
CA PHE A 399 17.86 8.74 12.70
C PHE A 399 18.89 7.65 12.95
N GLY A 400 19.76 7.86 13.92
CA GLY A 400 20.68 6.82 14.35
C GLY A 400 19.97 5.55 14.77
N VAL A 401 18.88 5.72 15.52
CA VAL A 401 17.99 4.64 15.93
C VAL A 401 17.36 3.93 14.73
N LEU A 402 16.78 4.70 13.82
CA LEU A 402 16.21 4.14 12.60
C LEU A 402 17.25 3.35 11.81
N ALA A 403 18.43 3.93 11.65
CA ALA A 403 19.48 3.26 10.91
C ALA A 403 19.77 1.90 11.52
N LEU A 404 19.87 1.86 12.85
CA LEU A 404 20.12 0.63 13.59
C LEU A 404 18.98 -0.37 13.39
N GLU A 405 17.76 0.14 13.26
CA GLU A 405 16.61 -0.74 13.03
C GLU A 405 16.63 -1.38 11.64
N SER A 406 17.43 -0.84 10.74
CA SER A 406 17.55 -1.39 9.38
C SER A 406 18.41 -2.63 9.33
N GLU A 407 19.13 -2.92 10.42
CA GLU A 407 20.06 -4.03 10.42
C GLU A 407 19.28 -5.35 10.40
N PRO A 408 19.64 -6.26 9.48
CA PRO A 408 18.97 -7.55 9.44
C PRO A 408 18.95 -8.20 10.82
N VAL A 409 17.80 -8.71 11.23
CA VAL A 409 17.67 -9.29 12.57
C VAL A 409 16.51 -10.28 12.59
N ASP A 410 16.61 -11.30 13.43
CA ASP A 410 15.51 -12.26 13.58
C ASP A 410 14.26 -11.50 14.00
N PRO A 411 13.18 -11.60 13.20
CA PRO A 411 11.99 -10.80 13.45
C PRO A 411 11.20 -11.31 14.66
N ARG A 412 11.41 -12.58 15.01
CA ARG A 412 10.64 -13.19 16.10
C ARG A 412 11.14 -12.79 17.49
N LEU A 413 12.32 -12.20 17.56
CA LEU A 413 12.84 -11.71 18.84
C LEU A 413 12.25 -10.34 19.12
N SER B 23 -16.41 -3.86 -8.41
CA SER B 23 -17.41 -4.72 -7.74
C SER B 23 -16.74 -5.73 -6.80
N ARG B 24 -15.40 -5.78 -6.85
CA ARG B 24 -14.60 -6.77 -6.12
C ARG B 24 -14.49 -8.07 -6.90
N PHE B 25 -15.23 -8.15 -8.00
CA PHE B 25 -15.25 -9.36 -8.81
C PHE B 25 -15.07 -9.01 -10.27
N ALA B 26 -14.48 -9.93 -11.00
CA ALA B 26 -14.39 -9.77 -12.45
C ALA B 26 -15.82 -9.70 -12.96
N ALA B 27 -16.00 -9.05 -14.10
CA ALA B 27 -17.31 -9.05 -14.74
C ALA B 27 -17.65 -10.50 -15.04
N ASP B 28 -18.90 -10.75 -15.42
CA ASP B 28 -19.28 -12.07 -15.90
C ASP B 28 -18.31 -12.49 -17.02
N PRO B 29 -17.58 -13.59 -16.80
CA PRO B 29 -16.62 -14.11 -17.77
C PRO B 29 -17.18 -14.24 -19.19
N HIS B 30 -18.49 -14.26 -19.34
CA HIS B 30 -19.11 -14.35 -20.67
C HIS B 30 -18.97 -13.04 -21.43
N TRP B 31 -18.70 -11.96 -20.71
CA TRP B 31 -18.49 -10.66 -21.33
C TRP B 31 -17.06 -10.53 -21.82
N LEU B 32 -16.14 -11.19 -21.12
CA LEU B 32 -14.71 -11.02 -21.33
C LEU B 32 -14.20 -11.74 -22.58
N ILE B 33 -14.47 -11.16 -23.75
CA ILE B 33 -14.01 -11.73 -25.01
C ILE B 33 -12.69 -11.10 -25.46
N TYR B 34 -12.27 -10.05 -24.75
CA TYR B 34 -11.08 -9.29 -25.11
C TYR B 34 -10.46 -8.58 -23.90
N LEU B 35 -9.14 -8.46 -23.90
CA LEU B 35 -8.43 -7.63 -22.94
C LEU B 35 -7.35 -6.84 -23.68
N PRO B 36 -7.35 -5.50 -23.51
CA PRO B 36 -6.42 -4.65 -24.26
C PRO B 36 -4.99 -5.02 -23.92
N PRO B 37 -4.08 -4.98 -24.90
CA PRO B 37 -2.69 -5.28 -24.62
C PRO B 37 -2.01 -4.12 -23.93
N THR B 38 -0.82 -4.36 -23.39
CA THR B 38 -0.01 -3.30 -22.85
C THR B 38 0.71 -2.62 -24.01
N MET B 39 1.23 -1.43 -23.79
CA MET B 39 1.81 -0.67 -24.90
C MET B 39 3.23 -0.21 -24.61
N SER B 40 4.11 -0.48 -25.57
CA SER B 40 5.50 -0.05 -25.44
C SER B 40 5.64 1.45 -25.69
N PRO B 41 6.57 2.08 -25.00
CA PRO B 41 6.90 3.49 -25.25
C PRO B 41 7.96 3.56 -26.36
N CYS B 42 8.20 4.74 -26.91
CA CYS B 42 9.21 4.85 -27.93
C CYS B 42 10.58 4.78 -27.27
N GLU B 43 11.56 4.94 -28.10
CA GLU B 43 12.92 4.83 -27.65
C GLU B 43 13.42 6.13 -27.07
N THR B 44 14.36 6.01 -26.16
CA THR B 44 14.87 7.19 -25.46
C THR B 44 15.38 8.31 -26.40
N SER B 45 14.82 9.49 -26.23
CA SER B 45 15.12 10.65 -27.05
C SER B 45 16.57 11.09 -26.86
N LYS B 46 17.25 11.38 -27.97
CA LYS B 46 18.59 11.92 -27.88
C LYS B 46 18.60 13.35 -27.34
N LYS B 47 17.59 14.13 -27.74
CA LYS B 47 17.48 15.54 -27.38
C LYS B 47 17.64 15.78 -25.88
N GLU B 48 18.41 16.82 -25.53
CA GLU B 48 18.70 17.11 -24.14
C GLU B 48 17.43 17.36 -23.34
N GLY B 49 17.36 16.79 -22.15
CA GLY B 49 16.23 16.97 -21.27
C GLY B 49 15.00 16.17 -21.66
N MET B 50 15.08 15.43 -22.77
CA MET B 50 13.93 14.67 -23.25
C MET B 50 14.10 13.16 -23.07
N LEU B 51 13.05 12.50 -22.58
CA LEU B 51 13.01 11.05 -22.50
C LEU B 51 12.36 10.45 -23.74
N GLU B 52 11.20 10.99 -24.10
CA GLU B 52 10.44 10.50 -25.24
C GLU B 52 10.14 11.64 -26.20
N HIS B 53 10.17 11.32 -27.49
CA HIS B 53 10.01 12.33 -28.53
C HIS B 53 9.49 11.67 -29.79
N PRO B 54 8.66 12.40 -30.55
CA PRO B 54 8.03 11.87 -31.78
C PRO B 54 9.00 11.28 -32.79
N ILE B 55 10.24 11.74 -32.74
CA ILE B 55 11.24 11.27 -33.66
C ILE B 55 11.55 9.79 -33.48
N GLU B 56 11.96 9.38 -32.31
CA GLU B 56 12.11 7.93 -32.10
C GLU B 56 10.87 7.11 -32.45
N ALA B 57 9.68 7.63 -32.16
CA ALA B 57 8.45 6.95 -32.53
C ALA B 57 8.31 6.76 -34.03
N PHE B 58 8.47 7.85 -34.78
CA PHE B 58 8.36 7.81 -36.23
C PHE B 58 9.47 6.94 -36.83
N GLU B 59 10.67 7.09 -36.28
CA GLU B 59 11.83 6.34 -36.75
C GLU B 59 11.58 4.84 -36.74
N TYR B 60 11.04 4.35 -35.64
CA TYR B 60 10.79 2.93 -35.48
C TYR B 60 9.96 2.39 -36.63
N PHE B 61 8.97 3.17 -37.07
CA PHE B 61 8.15 2.71 -38.17
C PHE B 61 8.80 2.90 -39.53
N ARG B 62 9.32 4.10 -39.80
CA ARG B 62 9.98 4.35 -41.08
C ARG B 62 11.03 3.31 -41.37
N THR B 63 11.73 2.97 -40.33
CA THR B 63 12.86 2.08 -40.44
C THR B 63 12.42 0.64 -40.63
N ARG B 64 11.29 0.25 -40.04
CA ARG B 64 10.75 -1.08 -40.20
C ARG B 64 9.93 -1.26 -41.50
N GLY B 65 10.05 -0.30 -42.41
CA GLY B 65 9.40 -0.40 -43.69
C GLY B 65 7.98 0.13 -43.75
N VAL B 66 7.56 0.82 -42.70
CA VAL B 66 6.24 1.45 -42.68
C VAL B 66 6.34 2.95 -42.93
N GLY B 67 5.74 3.42 -44.02
CA GLY B 67 5.85 4.81 -44.44
C GLY B 67 4.81 5.76 -43.87
N LYS B 68 3.64 5.22 -43.55
CA LYS B 68 2.56 6.03 -42.98
C LYS B 68 2.13 5.51 -41.61
N VAL B 69 2.02 6.43 -40.64
CA VAL B 69 1.47 6.07 -39.33
C VAL B 69 0.33 7.02 -38.99
N VAL B 70 -0.54 6.59 -38.09
CA VAL B 70 -1.61 7.44 -37.60
C VAL B 70 -1.31 7.82 -36.16
N CYS B 71 -1.46 9.09 -35.84
CA CYS B 71 -1.20 9.56 -34.50
C CYS B 71 -2.50 9.92 -33.81
N GLU B 72 -2.75 9.28 -32.69
CA GLU B 72 -3.98 9.52 -31.97
C GLU B 72 -3.68 10.15 -30.62
N GLN B 73 -4.33 11.27 -30.35
CA GLN B 73 -4.24 11.91 -29.06
C GLN B 73 -4.66 10.95 -27.95
N LYS B 74 -3.85 10.88 -26.91
CA LYS B 74 -4.23 10.14 -25.71
C LYS B 74 -5.13 11.06 -24.88
N HIS B 75 -6.37 10.63 -24.65
N HIS B 75 -6.34 10.59 -24.58
CA HIS B 75 -7.24 11.36 -23.76
CA HIS B 75 -7.39 11.44 -24.01
C HIS B 75 -6.98 10.85 -22.36
C HIS B 75 -7.19 11.87 -22.56
N MET B 76 -7.22 11.70 -21.36
N MET B 76 -6.40 11.12 -21.82
CA MET B 76 -6.85 11.37 -19.99
CA MET B 76 -6.21 11.36 -20.39
C MET B 76 -8.03 11.34 -19.02
C MET B 76 -7.28 10.60 -19.60
N GLY B 77 -8.69 10.18 -18.94
N GLY B 77 -8.01 9.75 -20.29
CA GLY B 77 -8.35 9.03 -19.78
CA GLY B 77 -9.01 8.89 -19.67
C GLY B 77 -8.05 7.72 -19.07
C GLY B 77 -8.50 7.49 -19.39
N SER B 78 -9.05 6.83 -19.00
N SER B 78 -9.32 6.69 -18.70
CA SER B 78 -8.88 5.46 -18.52
CA SER B 78 -8.96 5.32 -18.37
C SER B 78 -9.30 4.45 -19.61
C SER B 78 -9.41 4.35 -19.45
N ARG B 79 -8.63 3.29 -19.65
CA ARG B 79 -8.93 2.29 -20.67
C ARG B 79 -10.22 1.52 -20.39
N ALA B 80 -11.10 1.46 -21.40
CA ALA B 80 -12.40 0.84 -21.25
C ALA B 80 -12.78 0.00 -22.47
N VAL B 81 -13.31 -1.20 -22.21
CA VAL B 81 -13.88 -2.01 -23.29
C VAL B 81 -15.40 -1.95 -23.18
N VAL B 82 -16.05 -1.69 -24.31
CA VAL B 82 -17.50 -1.52 -24.32
C VAL B 82 -18.17 -2.49 -25.28
N ILE B 83 -19.09 -3.30 -24.77
CA ILE B 83 -19.83 -4.23 -25.58
C ILE B 83 -21.29 -3.81 -25.57
N VAL B 84 -21.87 -3.63 -26.74
CA VAL B 84 -23.27 -3.22 -26.82
C VAL B 84 -24.09 -4.23 -27.61
N CYS B 85 -25.19 -4.69 -27.03
CA CYS B 85 -26.12 -5.54 -27.76
C CYS B 85 -27.40 -4.74 -28.00
N LYS B 86 -28.17 -5.11 -29.01
CA LYS B 86 -29.44 -4.42 -29.30
C LYS B 86 -30.41 -4.53 -28.12
N ASP B 87 -30.36 -5.66 -27.42
CA ASP B 87 -31.26 -5.92 -26.30
C ASP B 87 -30.73 -7.04 -25.40
N SER B 88 -31.53 -7.40 -24.40
CA SER B 88 -31.14 -8.41 -23.42
C SER B 88 -31.05 -9.83 -24.00
N GLN B 89 -32.00 -10.17 -24.86
CA GLN B 89 -32.05 -11.52 -25.44
C GLN B 89 -30.79 -11.84 -26.22
N VAL B 90 -30.32 -10.87 -27.01
CA VAL B 90 -29.08 -11.03 -27.77
C VAL B 90 -27.89 -11.28 -26.85
N ALA B 91 -27.84 -10.55 -25.73
CA ALA B 91 -26.80 -10.76 -24.73
C ALA B 91 -26.90 -12.15 -24.11
N GLU B 92 -28.12 -12.63 -23.90
CA GLU B 92 -28.31 -13.96 -23.38
C GLU B 92 -27.95 -15.01 -24.43
N LYS B 93 -28.43 -14.79 -25.65
CA LYS B 93 -28.22 -15.75 -26.73
C LYS B 93 -26.77 -15.77 -27.23
N ARG B 94 -26.26 -14.60 -27.58
CA ARG B 94 -24.95 -14.52 -28.24
C ARG B 94 -23.76 -14.68 -27.30
N PHE B 95 -23.87 -14.08 -26.11
CA PHE B 95 -22.78 -14.08 -25.15
C PHE B 95 -22.99 -15.03 -23.98
N GLY B 96 -24.25 -15.46 -23.78
CA GLY B 96 -24.58 -16.38 -22.71
C GLY B 96 -24.58 -15.74 -21.34
N VAL B 97 -24.85 -14.44 -21.27
CA VAL B 97 -24.99 -13.77 -19.98
C VAL B 97 -26.45 -13.83 -19.53
N LEU B 98 -26.68 -14.28 -18.30
CA LEU B 98 -28.02 -14.57 -17.84
C LEU B 98 -28.60 -13.54 -16.86
N ASP B 99 -27.81 -12.51 -16.55
CA ASP B 99 -28.24 -11.53 -15.54
C ASP B 99 -29.15 -10.46 -16.12
N GLY B 100 -29.34 -10.50 -17.44
CA GLY B 100 -30.26 -9.60 -18.11
C GLY B 100 -29.70 -8.22 -18.41
N THR B 101 -28.38 -8.13 -18.58
CA THR B 101 -27.76 -6.89 -19.01
C THR B 101 -27.57 -6.94 -20.52
N ALA B 102 -27.66 -5.79 -21.18
CA ALA B 102 -27.59 -5.73 -22.62
C ALA B 102 -26.27 -5.13 -23.11
N GLY B 103 -25.34 -4.97 -22.17
CA GLY B 103 -24.01 -4.50 -22.51
C GLY B 103 -23.14 -4.45 -21.28
N ILE B 104 -21.85 -4.19 -21.50
CA ILE B 104 -20.91 -4.05 -20.40
C ILE B 104 -19.81 -3.05 -20.72
N CYS B 105 -19.43 -2.29 -19.72
CA CYS B 105 -18.25 -1.45 -19.79
C CYS B 105 -17.26 -1.93 -18.75
N TYR B 106 -16.25 -2.67 -19.18
CA TYR B 106 -15.24 -3.17 -18.25
C TYR B 106 -13.83 -2.64 -18.48
N THR B 107 -13.01 -2.74 -17.44
CA THR B 107 -11.65 -2.23 -17.48
C THR B 107 -10.67 -3.20 -18.13
N ARG B 108 -9.39 -2.91 -17.94
CA ARG B 108 -8.34 -3.63 -18.62
C ARG B 108 -8.02 -4.92 -17.87
N THR B 109 -8.48 -5.03 -16.64
CA THR B 109 -8.27 -6.24 -15.85
C THR B 109 -9.53 -7.11 -15.76
N GLY B 110 -10.53 -6.80 -16.55
CA GLY B 110 -11.75 -7.59 -16.58
C GLY B 110 -12.88 -7.10 -15.71
N ARG B 111 -12.60 -6.24 -14.75
CA ARG B 111 -13.62 -5.78 -13.82
C ARG B 111 -14.58 -4.80 -14.47
N HIS B 112 -15.78 -4.68 -13.91
CA HIS B 112 -16.71 -3.64 -14.33
C HIS B 112 -16.10 -2.28 -14.03
N PHE B 113 -16.19 -1.37 -14.98
CA PHE B 113 -15.66 -0.04 -14.77
C PHE B 113 -16.35 0.62 -13.58
N PHE B 114 -17.68 0.54 -13.57
CA PHE B 114 -18.44 1.21 -12.52
C PHE B 114 -19.04 0.26 -11.49
N ASP B 115 -18.88 0.59 -10.22
CA ASP B 115 -19.47 -0.19 -9.15
C ASP B 115 -21.00 -0.19 -9.25
N ASP B 116 -21.51 0.73 -10.05
CA ASP B 116 -22.94 0.99 -10.12
C ASP B 116 -23.56 0.43 -11.41
N MET B 117 -24.35 -0.62 -11.27
CA MET B 117 -24.94 -1.27 -12.44
C MET B 117 -25.89 -0.35 -13.20
N GLN B 118 -26.31 0.73 -12.54
CA GLN B 118 -27.19 1.70 -13.19
C GLN B 118 -26.43 2.74 -14.02
N LEU B 119 -25.22 3.10 -13.58
CA LEU B 119 -24.41 4.05 -14.33
C LEU B 119 -23.93 3.43 -15.64
N GLU B 120 -23.36 2.23 -15.52
N GLU B 120 -23.36 2.22 -15.54
CA GLU B 120 -22.85 1.46 -16.65
CA GLU B 120 -22.86 1.48 -16.68
C GLU B 120 -23.92 1.21 -17.70
C GLU B 120 -23.95 1.25 -17.70
N ALA B 121 -25.04 0.66 -17.24
CA ALA B 121 -26.16 0.36 -18.11
C ALA B 121 -26.67 1.62 -18.80
N GLU B 122 -26.67 2.71 -18.05
CA GLU B 122 -27.08 4.01 -18.57
C GLU B 122 -26.21 4.39 -19.75
N LEU B 123 -24.91 4.12 -19.62
CA LEU B 123 -23.94 4.38 -20.67
C LEU B 123 -24.24 3.56 -21.92
N ILE B 124 -24.44 2.26 -21.72
CA ILE B 124 -24.71 1.35 -22.81
C ILE B 124 -25.88 1.85 -23.65
N ASP B 125 -26.96 2.23 -22.98
CA ASP B 125 -28.15 2.70 -23.69
C ASP B 125 -27.79 3.88 -24.54
N ARG B 126 -27.02 4.81 -23.97
CA ARG B 126 -26.60 6.00 -24.68
C ARG B 126 -25.90 5.64 -25.99
N VAL B 127 -25.10 4.58 -25.95
CA VAL B 127 -24.35 4.14 -27.13
C VAL B 127 -25.23 3.30 -28.06
N ARG B 128 -26.23 2.63 -27.50
CA ARG B 128 -27.14 1.83 -28.31
C ARG B 128 -27.99 2.71 -29.22
N LYS B 129 -28.51 3.80 -28.66
CA LYS B 129 -29.36 4.71 -29.43
C LYS B 129 -28.60 5.42 -30.54
N VAL B 130 -27.44 5.98 -30.21
CA VAL B 130 -26.57 6.60 -31.19
C VAL B 130 -26.30 5.64 -32.35
N LEU B 131 -26.12 4.37 -32.02
CA LEU B 131 -25.92 3.34 -33.04
C LEU B 131 -27.19 3.10 -33.84
N ASP B 132 -28.34 3.24 -33.16
CA ASP B 132 -29.64 3.09 -33.82
C ASP B 132 -29.87 4.16 -34.87
N LYS B 133 -29.62 5.42 -34.49
CA LYS B 133 -29.79 6.55 -35.40
C LYS B 133 -28.65 6.53 -36.40
N SER B 134 -27.75 5.57 -36.22
CA SER B 134 -26.56 5.49 -37.02
C SER B 134 -26.71 4.46 -38.14
N GLY B 135 -27.70 3.57 -37.98
CA GLY B 135 -27.90 2.51 -38.96
C GLY B 135 -26.72 1.56 -38.92
N PHE B 136 -26.07 1.50 -37.76
CA PHE B 136 -24.88 0.67 -37.59
C PHE B 136 -25.20 -0.81 -37.64
N TRP B 137 -26.20 -1.22 -36.88
CA TRP B 137 -26.56 -2.65 -36.80
C TRP B 137 -26.82 -3.24 -38.17
N GLY B 138 -27.59 -2.51 -38.98
CA GLY B 138 -27.86 -2.90 -40.35
C GLY B 138 -26.61 -2.92 -41.23
N ASP B 139 -25.91 -1.80 -41.28
CA ASP B 139 -24.75 -1.66 -42.15
C ASP B 139 -23.67 -2.71 -41.87
N PHE B 140 -23.60 -3.18 -40.63
CA PHE B 140 -22.60 -4.15 -40.23
C PHE B 140 -23.20 -5.54 -40.06
N ASN B 141 -24.51 -5.63 -40.23
CA ASN B 141 -25.16 -6.92 -40.11
C ASN B 141 -24.82 -7.59 -38.79
N THR B 142 -25.22 -6.98 -37.70
CA THR B 142 -24.87 -7.46 -36.37
C THR B 142 -25.81 -6.89 -35.33
N ASP B 143 -25.94 -7.59 -34.20
CA ASP B 143 -26.76 -7.15 -33.07
C ASP B 143 -25.92 -6.90 -31.82
N TRP B 144 -24.60 -6.98 -32.00
CA TRP B 144 -23.66 -6.68 -30.92
C TRP B 144 -22.40 -6.02 -31.50
N VAL B 145 -21.69 -5.29 -30.64
CA VAL B 145 -20.42 -4.67 -31.02
C VAL B 145 -19.47 -4.59 -29.85
N CYS B 146 -18.18 -4.77 -30.12
CA CYS B 146 -17.16 -4.64 -29.10
C CYS B 146 -16.26 -3.47 -29.47
N LEU B 147 -16.23 -2.45 -28.61
CA LEU B 147 -15.46 -1.25 -28.88
C LEU B 147 -14.29 -1.10 -27.91
N ASP B 148 -13.11 -0.78 -28.47
CA ASP B 148 -11.94 -0.47 -27.65
C ASP B 148 -11.96 1.03 -27.39
N CYS B 149 -11.99 1.44 -26.13
CA CYS B 149 -12.30 2.83 -25.80
C CYS B 149 -11.39 3.46 -24.73
N GLU B 150 -11.45 4.78 -24.66
CA GLU B 150 -10.92 5.50 -23.52
C GLU B 150 -12.09 6.20 -22.85
N LEU B 151 -12.15 6.13 -21.52
CA LEU B 151 -13.26 6.70 -20.78
C LEU B 151 -12.82 7.82 -19.86
N MET B 152 -13.44 8.98 -20.01
CA MET B 152 -13.13 10.16 -19.21
C MET B 152 -14.32 10.57 -18.34
N PRO B 153 -14.04 11.17 -17.18
CA PRO B 153 -12.69 11.51 -16.75
C PRO B 153 -11.93 10.34 -16.13
N TRP B 154 -10.62 10.52 -15.97
CA TRP B 154 -9.76 9.50 -15.36
C TRP B 154 -10.25 9.12 -13.95
N SER B 155 -10.67 10.15 -13.21
CA SER B 155 -11.08 10.00 -11.82
C SER B 155 -12.33 9.16 -11.66
N ALA B 156 -13.11 9.05 -12.73
CA ALA B 156 -14.34 8.26 -12.71
C ALA B 156 -14.04 6.79 -12.45
N LYS B 157 -12.88 6.35 -12.89
CA LYS B 157 -12.43 4.99 -12.61
C LYS B 157 -12.14 4.84 -11.12
N ALA B 158 -12.80 3.87 -10.48
CA ALA B 158 -12.66 3.69 -9.05
C ALA B 158 -11.38 2.92 -8.69
N GLN B 159 -10.54 3.54 -7.87
CA GLN B 159 -9.32 2.92 -7.38
C GLN B 159 -9.20 3.14 -5.87
N LYS B 160 -9.02 2.05 -5.12
CA LYS B 160 -9.11 2.14 -3.67
C LYS B 160 -7.74 2.07 -3.00
N LEU B 161 -6.68 2.03 -3.81
CA LEU B 161 -5.32 2.00 -3.28
C LEU B 161 -5.07 3.22 -2.41
N LEU B 162 -5.03 4.39 -3.04
CA LEU B 162 -4.70 5.64 -2.34
C LEU B 162 -5.53 5.87 -1.07
N GLU B 163 -6.84 5.73 -1.18
CA GLU B 163 -7.73 6.00 -0.05
C GLU B 163 -7.42 5.03 1.08
N GLU B 164 -7.52 3.74 0.79
CA GLU B 164 -7.32 2.70 1.78
C GLU B 164 -5.93 2.76 2.43
N GLN B 165 -4.92 3.10 1.63
CA GLN B 165 -3.53 2.99 2.09
C GLN B 165 -2.96 4.28 2.69
N TYR B 166 -3.39 5.42 2.18
CA TYR B 166 -2.83 6.70 2.65
C TYR B 166 -3.82 7.60 3.38
N SER B 167 -5.07 7.16 3.48
CA SER B 167 -6.05 7.84 4.31
C SER B 167 -7.00 6.88 5.03
N ALA B 168 -6.43 6.05 5.89
CA ALA B 168 -7.21 5.11 6.69
C ALA B 168 -8.10 5.85 7.68
N VAL B 169 -9.23 5.24 8.01
CA VAL B 169 -10.21 5.84 8.91
C VAL B 169 -9.82 5.69 10.38
N GLY B 170 -9.05 4.65 10.69
CA GLY B 170 -8.60 4.42 12.05
C GLY B 170 -7.11 4.61 12.23
N ILE B 171 -6.41 3.50 12.42
CA ILE B 171 -4.96 3.50 12.49
C ILE B 171 -4.43 3.67 11.08
N SER B 172 -3.38 4.48 10.94
CA SER B 172 -2.79 4.80 9.64
C SER B 172 -2.54 3.57 8.78
N GLY B 173 -2.92 3.66 7.52
CA GLY B 173 -2.72 2.58 6.57
C GLY B 173 -1.31 2.03 6.52
N ARG B 174 -0.33 2.92 6.48
CA ARG B 174 1.06 2.49 6.40
C ARG B 174 1.55 1.76 7.65
N VAL B 175 1.07 2.18 8.81
CA VAL B 175 1.44 1.51 10.05
C VAL B 175 0.88 0.10 10.10
N VAL B 176 -0.39 -0.04 9.75
CA VAL B 176 -1.02 -1.36 9.69
C VAL B 176 -0.27 -2.24 8.71
N LEU B 177 0.09 -1.66 7.56
CA LEU B 177 0.89 -2.34 6.56
C LEU B 177 2.20 -2.88 7.14
N ASP B 178 2.96 -2.02 7.81
CA ASP B 178 4.24 -2.41 8.39
C ASP B 178 4.09 -3.52 9.44
N GLU B 179 3.15 -3.36 10.36
CA GLU B 179 2.90 -4.39 11.38
C GLU B 179 2.45 -5.71 10.75
N ALA B 180 1.58 -5.62 9.75
CA ALA B 180 1.11 -6.80 9.02
C ALA B 180 2.25 -7.50 8.31
N VAL B 181 3.16 -6.71 7.75
CA VAL B 181 4.32 -7.24 7.05
C VAL B 181 5.27 -7.96 8.02
N LYS B 182 5.54 -7.33 9.15
CA LYS B 182 6.43 -7.94 10.14
C LYS B 182 6.00 -9.36 10.49
N LEU B 183 4.70 -9.56 10.63
CA LEU B 183 4.15 -10.88 10.91
C LEU B 183 4.39 -11.86 9.76
N LEU B 184 4.25 -11.37 8.52
CA LEU B 184 4.54 -12.19 7.34
C LEU B 184 5.96 -12.73 7.41
N LYS B 185 6.91 -11.83 7.67
CA LYS B 185 8.31 -12.19 7.84
C LYS B 185 8.52 -13.26 8.91
N GLN B 186 7.77 -13.15 10.00
CA GLN B 186 7.88 -14.10 11.10
C GLN B 186 7.31 -15.45 10.71
N ALA B 187 6.12 -15.45 10.12
CA ALA B 187 5.48 -16.68 9.65
C ALA B 187 6.35 -17.40 8.63
N SER B 188 6.99 -16.64 7.75
CA SER B 188 7.83 -17.20 6.70
C SER B 188 8.97 -18.02 7.28
N LEU B 189 9.40 -17.65 8.49
CA LEU B 189 10.49 -18.34 9.15
C LEU B 189 10.05 -19.67 9.73
N ASN B 190 8.73 -19.89 9.74
CA ASN B 190 8.17 -21.14 10.27
C ASN B 190 8.59 -22.32 9.41
N LYS B 191 8.97 -23.41 10.08
CA LYS B 191 9.54 -24.57 9.41
C LYS B 191 8.61 -25.20 8.39
N THR B 192 7.30 -25.03 8.59
CA THR B 192 6.30 -25.62 7.70
C THR B 192 6.08 -24.79 6.43
N VAL B 193 6.90 -23.74 6.28
CA VAL B 193 6.87 -22.88 5.10
C VAL B 193 8.27 -22.72 4.49
N ALA B 206 14.06 -16.87 -0.26
CA ALA B 206 12.93 -16.18 0.35
C ALA B 206 12.50 -14.97 -0.48
N ASP B 207 11.49 -15.18 -1.33
CA ASP B 207 11.03 -14.15 -2.27
C ASP B 207 10.28 -13.02 -1.58
N ILE B 208 9.86 -13.28 -0.35
CA ILE B 208 8.96 -12.40 0.39
C ILE B 208 9.19 -10.90 0.19
N ASN B 209 10.43 -10.44 0.36
CA ASN B 209 10.71 -9.00 0.30
C ASN B 209 10.24 -8.34 -1.00
N GLU B 210 10.08 -9.14 -2.05
CA GLU B 210 9.63 -8.64 -3.35
C GLU B 210 8.20 -8.10 -3.31
N LEU B 211 7.30 -8.85 -2.67
CA LEU B 211 5.89 -8.53 -2.69
C LEU B 211 5.57 -7.17 -2.08
N LEU B 212 6.26 -6.85 -0.97
CA LEU B 212 6.07 -5.55 -0.35
C LEU B 212 6.46 -4.43 -1.31
N GLN B 213 7.61 -4.62 -1.96
CA GLN B 213 8.08 -3.66 -2.96
C GLN B 213 7.11 -3.52 -4.12
N ARG B 214 6.67 -4.64 -4.68
CA ARG B 214 5.72 -4.59 -5.80
C ARG B 214 4.44 -3.93 -5.34
N PHE B 215 4.10 -4.15 -4.07
CA PHE B 215 2.90 -3.58 -3.48
C PHE B 215 3.04 -2.08 -3.22
N THR B 216 4.20 -1.66 -2.73
CA THR B 216 4.46 -0.25 -2.45
C THR B 216 4.62 0.56 -3.73
N GLU B 217 5.37 0.03 -4.68
CA GLU B 217 5.59 0.71 -5.97
C GLU B 217 4.28 0.95 -6.70
N ARG B 218 3.37 -0.02 -6.61
CA ARG B 218 2.06 0.15 -7.20
C ARG B 218 1.41 1.36 -6.55
N SER B 219 1.48 1.41 -5.22
CA SER B 219 0.90 2.51 -4.45
C SER B 219 1.58 3.84 -4.73
N GLU B 220 2.89 3.82 -4.87
CA GLU B 220 3.62 5.05 -5.16
C GLU B 220 3.29 5.59 -6.53
N MET B 221 3.30 4.70 -7.52
CA MET B 221 2.91 5.07 -8.88
C MET B 221 1.57 5.79 -8.87
N MET B 222 0.60 5.16 -8.24
CA MET B 222 -0.78 5.65 -8.22
C MET B 222 -0.85 7.12 -7.79
N GLN B 223 -0.07 7.49 -6.77
CA GLN B 223 -0.08 8.85 -6.25
C GLN B 223 0.33 9.85 -7.33
N LYS B 224 1.37 9.49 -8.07
CA LYS B 224 1.88 10.33 -9.15
C LYS B 224 0.83 10.52 -10.25
N TYR B 225 0.11 9.44 -10.56
CA TYR B 225 -0.93 9.50 -11.58
C TYR B 225 -2.01 10.53 -11.24
N VAL B 226 -2.31 10.65 -9.95
CA VAL B 226 -3.32 11.58 -9.46
C VAL B 226 -2.91 13.01 -9.77
N GLU B 227 -1.64 13.30 -9.63
CA GLU B 227 -1.12 14.62 -9.94
C GLU B 227 -1.19 14.83 -11.44
N ALA B 228 -0.69 13.84 -12.19
CA ALA B 228 -0.63 13.92 -13.64
C ALA B 228 -2.00 14.21 -14.24
N TYR B 229 -3.04 13.63 -13.66
CA TYR B 229 -4.39 13.76 -14.19
C TYR B 229 -5.22 14.79 -13.41
N ARG B 230 -4.66 15.33 -12.34
CA ARG B 230 -5.38 16.28 -11.50
C ARG B 230 -6.12 17.34 -12.32
N LYS B 231 -5.42 17.92 -13.29
CA LYS B 231 -5.97 19.00 -14.10
C LYS B 231 -7.18 18.57 -14.93
N TYR B 232 -7.26 17.29 -15.24
CA TYR B 232 -8.26 16.79 -16.19
C TYR B 232 -9.27 15.86 -15.52
N CYS B 233 -9.42 16.01 -14.21
CA CYS B 233 -10.35 15.19 -13.46
C CYS B 233 -11.44 16.02 -12.78
N TRP B 234 -12.69 15.61 -12.96
CA TRP B 234 -13.81 16.32 -12.35
C TRP B 234 -14.83 15.32 -11.80
N PRO B 235 -15.53 15.71 -10.72
CA PRO B 235 -16.51 14.82 -10.09
C PRO B 235 -17.67 14.47 -11.02
N VAL B 236 -18.14 13.23 -10.97
CA VAL B 236 -19.26 12.77 -11.80
C VAL B 236 -20.52 12.49 -10.99
N ASN B 237 -21.48 13.41 -11.06
CA ASN B 237 -22.74 13.29 -10.34
C ASN B 237 -23.81 12.62 -11.21
N SER B 238 -23.50 12.46 -12.49
CA SER B 238 -24.46 11.95 -13.47
C SER B 238 -23.69 11.34 -14.64
N ILE B 239 -24.41 10.74 -15.57
CA ILE B 239 -23.78 10.15 -16.75
C ILE B 239 -23.27 11.24 -17.69
N ASP B 240 -23.83 12.43 -17.58
CA ASP B 240 -23.48 13.55 -18.45
C ASP B 240 -22.01 13.91 -18.31
N ASP B 241 -21.48 13.71 -17.11
CA ASP B 241 -20.08 14.04 -16.83
C ASP B 241 -19.10 13.19 -17.62
N LEU B 242 -19.53 12.01 -18.03
CA LEU B 242 -18.64 11.09 -18.72
C LEU B 242 -18.34 11.49 -20.17
N LYS B 243 -17.13 11.21 -20.60
CA LYS B 243 -16.79 11.27 -22.01
C LYS B 243 -16.26 9.91 -22.39
N LEU B 244 -16.75 9.40 -23.51
CA LEU B 244 -16.26 8.12 -24.01
C LEU B 244 -15.77 8.29 -25.44
N ALA B 245 -14.50 7.93 -25.66
CA ALA B 245 -13.89 8.07 -26.98
C ALA B 245 -13.26 6.77 -27.44
N PRO B 246 -13.98 6.03 -28.28
CA PRO B 246 -13.53 4.73 -28.83
C PRO B 246 -12.56 4.88 -30.00
N PHE B 247 -11.49 4.09 -30.01
CA PHE B 247 -10.50 4.17 -31.08
C PHE B 247 -10.49 2.92 -31.96
N HIS B 248 -11.04 1.82 -31.45
CA HIS B 248 -11.11 0.59 -32.23
C HIS B 248 -12.53 0.03 -32.27
N ILE B 249 -12.99 -0.33 -33.47
CA ILE B 249 -14.15 -1.21 -33.60
C ILE B 249 -13.60 -2.62 -33.75
N LEU B 250 -13.38 -3.27 -32.63
CA LEU B 250 -12.71 -4.56 -32.58
C LEU B 250 -13.46 -5.69 -33.28
N ALA B 251 -14.77 -5.82 -33.05
CA ALA B 251 -15.50 -6.93 -33.61
C ALA B 251 -17.03 -6.79 -33.59
N THR B 252 -17.65 -7.39 -34.59
CA THR B 252 -19.09 -7.48 -34.69
C THR B 252 -19.40 -8.89 -35.17
N GLU B 253 -20.68 -9.23 -35.21
CA GLU B 253 -21.09 -10.55 -35.67
C GLU B 253 -20.33 -10.95 -36.94
N GLY B 254 -19.49 -11.98 -36.84
CA GLY B 254 -18.84 -12.56 -37.98
C GLY B 254 -17.55 -11.93 -38.46
N LYS B 255 -17.16 -10.81 -37.87
CA LYS B 255 -15.94 -10.14 -38.30
C LYS B 255 -15.14 -9.48 -37.20
N VAL B 256 -13.86 -9.86 -37.11
CA VAL B 256 -12.91 -9.12 -36.28
C VAL B 256 -12.26 -8.09 -37.20
N HIS B 257 -12.44 -6.81 -36.88
CA HIS B 257 -12.03 -5.77 -37.79
C HIS B 257 -10.57 -5.40 -37.63
N SER B 258 -9.74 -6.42 -37.43
CA SER B 258 -8.30 -6.26 -37.35
C SER B 258 -7.68 -6.13 -38.74
N ASP B 259 -8.52 -6.16 -39.79
CA ASP B 259 -8.02 -6.05 -41.15
C ASP B 259 -8.21 -4.65 -41.72
N LYS B 260 -8.86 -3.79 -40.95
CA LYS B 260 -9.11 -2.42 -41.38
C LYS B 260 -8.06 -1.45 -40.81
N ASN B 261 -7.49 -0.62 -41.66
CA ASN B 261 -6.52 0.37 -41.20
C ASN B 261 -7.16 1.34 -40.20
N HIS B 262 -6.34 2.11 -39.51
CA HIS B 262 -6.79 2.94 -38.40
C HIS B 262 -7.53 4.22 -38.81
N ILE B 263 -7.35 4.64 -40.06
CA ILE B 263 -8.13 5.77 -40.56
C ILE B 263 -9.57 5.30 -40.70
N TRP B 264 -9.72 4.06 -41.14
CA TRP B 264 -11.03 3.43 -41.20
C TRP B 264 -11.65 3.41 -39.81
N HIS B 265 -10.87 3.03 -38.80
CA HIS B 265 -11.39 2.98 -37.44
C HIS B 265 -11.81 4.36 -36.96
N MET B 266 -10.94 5.33 -37.12
CA MET B 266 -11.25 6.70 -36.71
C MET B 266 -12.48 7.25 -37.45
N ASP B 267 -12.56 6.96 -38.74
CA ASP B 267 -13.63 7.46 -39.59
C ASP B 267 -14.96 6.80 -39.31
N THR B 268 -14.95 5.47 -39.32
CA THR B 268 -16.16 4.69 -39.07
C THR B 268 -16.75 5.04 -37.72
N ILE B 269 -15.90 5.10 -36.70
CA ILE B 269 -16.32 5.46 -35.35
C ILE B 269 -16.98 6.83 -35.34
N ALA B 270 -16.40 7.79 -36.05
CA ALA B 270 -16.94 9.14 -36.10
C ALA B 270 -18.33 9.14 -36.73
N LYS B 271 -18.44 8.57 -37.92
CA LYS B 271 -19.71 8.47 -38.65
C LYS B 271 -20.80 7.85 -37.78
N TYR B 272 -20.50 6.67 -37.25
CA TYR B 272 -21.52 5.89 -36.55
C TYR B 272 -21.76 6.27 -35.09
N CYS B 273 -20.78 6.89 -34.43
CA CYS B 273 -20.90 7.14 -32.99
C CYS B 273 -20.89 8.62 -32.59
N THR B 274 -20.05 9.43 -33.23
CA THR B 274 -19.69 10.74 -32.66
C THR B 274 -20.60 11.92 -33.01
N GLN B 275 -21.30 11.82 -34.13
CA GLN B 275 -22.17 12.90 -34.59
C GLN B 275 -23.19 13.33 -33.54
N ASP B 276 -24.06 12.39 -33.19
CA ASP B 276 -25.31 12.73 -32.52
C ASP B 276 -25.15 13.17 -31.07
N ASP B 277 -24.35 12.44 -30.29
CA ASP B 277 -24.36 12.59 -28.83
C ASP B 277 -23.07 13.16 -28.24
N SER B 278 -23.23 14.22 -27.47
CA SER B 278 -22.14 14.84 -26.73
C SER B 278 -21.23 13.80 -26.06
N LEU B 279 -21.86 12.92 -25.30
CA LEU B 279 -21.17 11.89 -24.53
C LEU B 279 -20.12 11.09 -25.31
N ILE B 280 -20.43 10.75 -26.56
CA ILE B 280 -19.48 10.05 -27.41
C ILE B 280 -18.53 11.06 -28.04
N MET B 281 -17.23 10.76 -28.00
CA MET B 281 -16.24 11.73 -28.44
C MET B 281 -15.46 11.23 -29.64
N ALA B 282 -15.09 12.16 -30.51
CA ALA B 282 -14.22 11.86 -31.65
C ALA B 282 -12.77 12.03 -31.21
N THR B 283 -11.88 11.20 -31.74
CA THR B 283 -10.48 11.26 -31.33
C THR B 283 -9.61 12.09 -32.29
N ASN B 284 -8.97 13.12 -31.75
CA ASN B 284 -8.03 13.90 -32.53
C ASN B 284 -6.91 13.00 -33.04
N HIS B 285 -6.74 12.96 -34.35
CA HIS B 285 -5.65 12.20 -34.94
C HIS B 285 -5.06 12.94 -36.12
N ILE B 286 -3.84 12.58 -36.49
CA ILE B 286 -3.25 13.07 -37.72
C ILE B 286 -2.59 11.92 -38.47
N LEU B 287 -2.54 12.04 -39.79
CA LEU B 287 -1.84 11.09 -40.62
C LEU B 287 -0.44 11.64 -40.90
N VAL B 288 0.58 10.85 -40.59
CA VAL B 288 1.97 11.29 -40.79
C VAL B 288 2.74 10.39 -41.74
N ASP B 289 3.51 11.01 -42.62
CA ASP B 289 4.38 10.28 -43.54
C ASP B 289 5.78 10.27 -42.93
N VAL B 290 6.15 9.15 -42.36
CA VAL B 290 7.39 9.05 -41.60
C VAL B 290 8.65 9.27 -42.45
N THR B 291 8.47 9.28 -43.76
CA THR B 291 9.57 9.46 -44.71
C THR B 291 9.72 10.92 -45.13
N ASP B 292 8.63 11.67 -45.00
CA ASP B 292 8.53 13.04 -45.47
C ASP B 292 8.88 14.01 -44.35
N ALA B 293 9.95 14.77 -44.51
CA ALA B 293 10.41 15.69 -43.48
C ALA B 293 9.35 16.70 -43.06
N GLU B 294 8.65 17.28 -44.04
CA GLU B 294 7.63 18.28 -43.74
C GLU B 294 6.53 17.67 -42.89
N SER B 295 6.12 16.46 -43.25
CA SER B 295 5.03 15.75 -42.57
C SER B 295 5.43 15.43 -41.14
N VAL B 296 6.59 14.82 -40.96
CA VAL B 296 7.06 14.51 -39.61
C VAL B 296 7.08 15.76 -38.74
N ASP B 297 7.62 16.86 -39.26
CA ASP B 297 7.67 18.08 -38.47
C ASP B 297 6.29 18.59 -38.03
N LYS B 298 5.29 18.41 -38.87
CA LYS B 298 3.92 18.81 -38.51
C LYS B 298 3.43 17.90 -37.40
N GLY B 299 3.85 16.64 -37.47
CA GLY B 299 3.53 15.66 -36.45
C GLY B 299 4.16 16.01 -35.11
N ILE B 300 5.38 16.55 -35.17
CA ILE B 300 6.10 16.97 -33.98
C ILE B 300 5.42 18.17 -33.34
N LYS B 301 5.10 19.18 -34.14
CA LYS B 301 4.48 20.40 -33.63
C LYS B 301 3.09 20.10 -33.07
N TRP B 302 2.44 19.09 -33.64
CA TRP B 302 1.15 18.62 -33.16
C TRP B 302 1.33 18.05 -31.76
N TRP B 303 2.25 17.10 -31.63
CA TRP B 303 2.58 16.48 -30.35
C TRP B 303 3.02 17.52 -29.32
N GLU B 304 3.96 18.36 -29.72
CA GLU B 304 4.41 19.42 -28.83
C GLU B 304 3.23 20.20 -28.31
N ASP B 305 2.24 20.41 -29.17
CA ASP B 305 1.08 21.21 -28.83
C ASP B 305 0.16 20.51 -27.84
N LEU B 306 0.09 19.18 -27.95
CA LEU B 306 -0.78 18.35 -27.14
C LEU B 306 -0.29 18.22 -25.72
N THR B 307 1.01 18.40 -25.51
CA THR B 307 1.64 18.08 -24.24
C THR B 307 2.21 19.31 -23.54
N ALA B 308 1.88 20.48 -24.07
CA ALA B 308 2.44 21.74 -23.56
C ALA B 308 1.98 22.07 -22.15
N SER B 309 0.81 21.56 -21.77
CA SER B 309 0.23 21.87 -20.47
C SER B 309 0.14 20.63 -19.59
N GLY B 310 0.99 19.64 -19.87
CA GLY B 310 1.04 18.43 -19.08
C GLY B 310 0.34 17.23 -19.71
N GLY B 311 -0.15 17.42 -20.93
CA GLY B 311 -0.90 16.39 -21.64
C GLY B 311 -0.14 15.09 -21.81
N GLU B 312 -0.85 13.97 -21.82
CA GLU B 312 -0.17 12.68 -21.78
C GLU B 312 0.67 12.39 -23.03
N GLY B 313 0.23 12.87 -24.19
CA GLY B 313 0.96 12.64 -25.42
C GLY B 313 0.11 12.06 -26.53
N MET B 314 0.64 11.07 -27.24
CA MET B 314 -0.09 10.45 -28.33
C MET B 314 0.33 9.02 -28.50
N VAL B 315 -0.43 8.30 -29.31
CA VAL B 315 -0.11 6.92 -29.65
C VAL B 315 0.09 6.86 -31.15
N VAL B 316 1.23 6.32 -31.57
CA VAL B 316 1.58 6.24 -32.98
C VAL B 316 1.34 4.84 -33.49
N LYS B 317 0.40 4.68 -34.41
CA LYS B 317 0.10 3.34 -34.92
C LYS B 317 0.35 3.25 -36.42
N PRO B 318 0.81 2.08 -36.89
CA PRO B 318 1.00 1.88 -38.33
C PRO B 318 -0.35 2.02 -39.01
N TYR B 319 -0.38 2.45 -40.28
CA TYR B 319 -1.63 2.71 -40.97
C TYR B 319 -2.53 1.49 -40.89
N ASP B 320 -1.96 0.32 -41.16
CA ASP B 320 -2.69 -0.94 -41.05
C ASP B 320 -2.67 -1.44 -39.61
N PHE B 321 -3.77 -2.08 -39.21
CA PHE B 321 -3.93 -2.61 -37.87
C PHE B 321 -2.81 -3.59 -37.54
N ILE B 322 -2.56 -4.51 -38.46
CA ILE B 322 -1.53 -5.54 -38.27
C ILE B 322 -0.48 -5.43 -39.36
N VAL B 323 0.78 -5.31 -38.97
CA VAL B 323 1.85 -5.21 -39.96
C VAL B 323 3.00 -6.17 -39.66
N LYS B 324 3.56 -6.75 -40.71
CA LYS B 324 4.77 -7.56 -40.59
C LYS B 324 5.91 -6.92 -41.37
N ASN B 325 7.12 -7.01 -40.83
CA ASN B 325 8.33 -6.64 -41.55
C ASN B 325 9.16 -7.90 -41.80
N GLY B 326 8.89 -8.57 -42.91
CA GLY B 326 9.49 -9.87 -43.17
C GLY B 326 8.87 -10.88 -42.23
N ARG B 327 9.70 -11.64 -41.54
CA ARG B 327 9.21 -12.61 -40.56
C ARG B 327 8.55 -11.93 -39.36
N GLU B 328 9.13 -10.81 -38.92
CA GLU B 328 8.75 -10.19 -37.65
C GLU B 328 7.51 -9.29 -37.71
N LEU B 329 6.61 -9.50 -36.76
CA LEU B 329 5.46 -8.63 -36.59
C LEU B 329 5.91 -7.34 -35.91
N LEU B 330 5.24 -6.24 -36.21
CA LEU B 330 5.63 -4.95 -35.66
C LEU B 330 4.64 -4.50 -34.59
N GLN B 331 5.11 -3.63 -33.69
CA GLN B 331 4.28 -3.06 -32.66
C GLN B 331 3.05 -2.43 -33.28
N PRO B 332 1.87 -2.74 -32.71
CA PRO B 332 0.61 -2.17 -33.21
C PRO B 332 0.47 -0.73 -32.75
N ALA B 333 1.23 -0.36 -31.73
CA ALA B 333 1.18 0.99 -31.17
C ALA B 333 2.48 1.33 -30.45
N VAL B 334 2.78 2.61 -30.39
CA VAL B 334 3.97 3.09 -29.70
C VAL B 334 3.64 4.41 -29.04
N LYS B 335 3.59 4.43 -27.72
CA LYS B 335 3.23 5.66 -27.02
C LYS B 335 4.38 6.64 -26.94
N CYS B 336 4.03 7.93 -26.98
CA CYS B 336 5.00 8.99 -26.93
C CYS B 336 4.47 10.06 -26.01
N ARG B 337 5.09 10.18 -24.84
CA ARG B 337 4.49 10.96 -23.76
C ARG B 337 5.14 12.32 -23.49
N GLY B 338 4.29 13.28 -23.14
CA GLY B 338 4.70 14.64 -22.86
C GLY B 338 5.74 14.77 -21.75
N ARG B 339 6.61 15.76 -21.90
CA ARG B 339 7.70 16.01 -20.97
C ARG B 339 7.19 16.37 -19.57
N GLU B 340 6.18 17.23 -19.52
CA GLU B 340 5.63 17.67 -18.24
C GLU B 340 4.89 16.51 -17.58
N TYR B 341 4.12 15.78 -18.38
CA TYR B 341 3.46 14.59 -17.89
C TYR B 341 4.48 13.62 -17.32
N LEU B 342 5.52 13.33 -18.10
CA LEU B 342 6.53 12.37 -17.71
C LEU B 342 7.35 12.80 -16.50
N ARG B 343 7.43 14.11 -16.27
CA ARG B 343 8.14 14.63 -15.11
C ARG B 343 7.39 14.30 -13.84
N ILE B 344 6.08 14.41 -13.89
CA ILE B 344 5.23 14.09 -12.75
C ILE B 344 5.30 12.59 -12.48
N ILE B 345 5.26 11.82 -13.54
CA ILE B 345 5.27 10.36 -13.44
C ILE B 345 6.59 9.81 -12.92
N TYR B 346 7.70 10.29 -13.46
CA TYR B 346 9.02 9.87 -12.99
C TYR B 346 9.38 10.54 -11.67
N GLY B 347 8.69 11.65 -11.38
CA GLY B 347 9.09 12.53 -10.30
C GLY B 347 10.04 13.56 -10.88
N PRO B 348 9.82 14.84 -10.56
CA PRO B 348 10.70 15.92 -11.01
C PRO B 348 12.09 15.80 -10.37
N GLU B 349 12.15 15.03 -9.28
CA GLU B 349 13.40 14.80 -8.55
C GLU B 349 14.35 13.87 -9.32
N TYR B 350 13.76 12.86 -9.95
CA TYR B 350 14.51 11.84 -10.69
C TYR B 350 15.50 12.48 -11.67
N THR B 351 14.98 13.16 -12.71
CA THR B 351 15.78 13.93 -13.67
C THR B 351 16.90 13.17 -14.40
N MET B 352 17.91 12.73 -13.63
CA MET B 352 19.00 11.89 -14.14
C MET B 352 18.47 10.61 -14.80
N ASP B 353 19.29 9.90 -15.58
CA ASP B 353 20.67 10.28 -15.88
C ASP B 353 21.06 9.70 -17.25
N GLU B 354 22.28 10.02 -17.69
CA GLU B 354 22.77 9.52 -18.98
C GLU B 354 22.95 8.01 -18.95
N ASN B 355 23.70 7.53 -17.96
CA ASN B 355 23.99 6.11 -17.84
C ASN B 355 22.73 5.27 -17.64
N ILE B 356 21.82 5.76 -16.79
CA ILE B 356 20.57 5.06 -16.50
C ILE B 356 19.80 4.75 -17.78
N GLU B 357 19.87 5.65 -18.75
CA GLU B 357 19.13 5.52 -20.01
C GLU B 357 19.40 4.19 -20.71
N ARG B 358 20.63 3.68 -20.58
CA ARG B 358 20.98 2.38 -21.16
C ARG B 358 20.11 1.28 -20.57
N LEU B 359 19.84 1.38 -19.27
CA LEU B 359 18.96 0.44 -18.59
C LEU B 359 17.52 0.60 -19.07
N ARG B 360 17.14 1.81 -19.43
CA ARG B 360 15.79 2.06 -19.93
C ARG B 360 15.54 1.36 -21.26
N ASN B 361 16.51 1.43 -22.16
CA ASN B 361 16.32 0.81 -23.47
C ASN B 361 16.10 -0.69 -23.38
N ARG B 362 16.88 -1.37 -22.53
CA ARG B 362 16.68 -2.81 -22.31
C ARG B 362 15.27 -3.06 -21.76
N ALA B 363 14.83 -2.18 -20.88
CA ALA B 363 13.49 -2.25 -20.33
C ALA B 363 12.43 -2.05 -21.42
N VAL B 364 12.77 -1.28 -22.46
CA VAL B 364 11.87 -1.04 -23.58
C VAL B 364 11.70 -2.30 -24.41
N GLY B 365 12.79 -3.05 -24.56
CA GLY B 365 12.80 -4.27 -25.35
C GLY B 365 11.89 -5.35 -24.78
N LYS B 366 11.93 -5.51 -23.46
CA LYS B 366 11.06 -6.48 -22.81
C LYS B 366 9.61 -6.09 -23.08
N LYS B 367 9.30 -4.81 -22.91
CA LYS B 367 7.94 -4.31 -23.03
C LYS B 367 7.40 -4.59 -24.43
N ARG B 368 8.28 -4.48 -25.43
CA ARG B 368 7.90 -4.76 -26.80
C ARG B 368 7.51 -6.23 -26.99
N SER B 369 8.37 -7.13 -26.52
CA SER B 369 8.10 -8.55 -26.63
C SER B 369 6.80 -8.87 -25.93
N LEU B 370 6.60 -8.24 -24.78
CA LEU B 370 5.41 -8.45 -23.97
C LEU B 370 4.17 -7.96 -24.71
N ALA B 371 4.26 -6.75 -25.26
CA ALA B 371 3.13 -6.14 -25.95
C ALA B 371 2.69 -6.98 -27.13
N LEU B 372 3.65 -7.43 -27.93
CA LEU B 372 3.34 -8.25 -29.10
C LEU B 372 2.52 -9.47 -28.71
N ARG B 373 2.98 -10.17 -27.70
CA ARG B 373 2.32 -11.41 -27.27
C ARG B 373 0.92 -11.16 -26.72
N GLU B 374 0.78 -10.11 -25.93
CA GLU B 374 -0.53 -9.75 -25.39
C GLU B 374 -1.46 -9.36 -26.52
N PHE B 375 -0.91 -8.68 -27.52
CA PHE B 375 -1.70 -8.21 -28.65
C PHE B 375 -2.21 -9.39 -29.45
N SER B 376 -1.32 -10.34 -29.72
CA SER B 376 -1.68 -11.52 -30.48
C SER B 376 -2.72 -12.37 -29.74
N LEU B 377 -2.51 -12.54 -28.44
CA LEU B 377 -3.47 -13.27 -27.63
C LEU B 377 -4.84 -12.57 -27.61
N GLY B 378 -4.83 -11.25 -27.58
CA GLY B 378 -6.07 -10.49 -27.59
C GLY B 378 -6.81 -10.62 -28.90
N MET B 379 -6.08 -10.65 -30.01
CA MET B 379 -6.68 -10.75 -31.34
C MET B 379 -7.27 -12.14 -31.56
N GLU B 380 -6.56 -13.15 -31.07
CA GLU B 380 -6.97 -14.53 -31.25
C GLU B 380 -8.26 -14.79 -30.49
N ALA B 381 -8.37 -14.24 -29.29
CA ALA B 381 -9.57 -14.40 -28.49
C ALA B 381 -10.79 -13.95 -29.29
N LEU B 382 -10.73 -12.73 -29.80
CA LEU B 382 -11.82 -12.20 -30.62
C LEU B 382 -12.13 -13.10 -31.81
N GLU B 383 -11.09 -13.61 -32.47
CA GLU B 383 -11.27 -14.50 -33.61
C GLU B 383 -11.96 -15.79 -33.21
N ARG B 384 -11.59 -16.35 -32.06
CA ARG B 384 -12.20 -17.57 -31.56
C ARG B 384 -13.65 -17.35 -31.17
N PHE B 385 -13.94 -16.25 -30.49
CA PHE B 385 -15.31 -15.91 -30.14
C PHE B 385 -16.18 -15.72 -31.38
N VAL B 386 -15.66 -15.00 -32.36
CA VAL B 386 -16.38 -14.72 -33.61
C VAL B 386 -16.61 -16.00 -34.39
N ARG B 387 -15.77 -17.00 -34.14
CA ARG B 387 -15.94 -18.32 -34.73
C ARG B 387 -17.01 -19.11 -34.00
N ASN B 388 -17.48 -18.57 -32.88
CA ASN B 388 -18.45 -19.25 -32.05
C ASN B 388 -17.82 -20.46 -31.36
N GLU B 389 -16.49 -20.44 -31.28
CA GLU B 389 -15.75 -21.50 -30.60
C GLU B 389 -16.11 -21.60 -29.11
N PRO B 390 -15.77 -22.72 -28.46
CA PRO B 390 -16.04 -22.84 -27.02
C PRO B 390 -15.48 -21.64 -26.24
N LEU B 391 -16.17 -21.25 -25.17
CA LEU B 391 -15.79 -20.07 -24.40
C LEU B 391 -14.41 -20.21 -23.77
N TYR B 392 -14.10 -21.41 -23.29
CA TYR B 392 -12.85 -21.64 -22.59
C TYR B 392 -11.63 -21.39 -23.47
N ARG B 393 -11.77 -21.63 -24.78
CA ARG B 393 -10.70 -21.34 -25.73
C ARG B 393 -10.52 -19.83 -25.92
N VAL B 394 -11.62 -19.10 -25.95
CA VAL B 394 -11.57 -17.65 -26.00
C VAL B 394 -10.85 -17.13 -24.76
N HIS B 395 -11.25 -17.64 -23.59
CA HIS B 395 -10.67 -17.24 -22.32
C HIS B 395 -9.23 -17.67 -22.18
N GLU B 396 -8.90 -18.80 -22.81
CA GLU B 396 -7.53 -19.25 -22.89
C GLU B 396 -6.65 -18.09 -23.36
N CYS B 397 -7.03 -17.46 -24.47
CA CYS B 397 -6.31 -16.29 -24.94
C CYS B 397 -6.46 -15.13 -23.97
N VAL B 398 -7.70 -14.81 -23.63
CA VAL B 398 -8.00 -13.67 -22.77
C VAL B 398 -7.20 -13.72 -21.47
N PHE B 399 -7.09 -14.90 -20.88
CA PHE B 399 -6.38 -15.07 -19.62
C PHE B 399 -4.87 -14.96 -19.82
N GLY B 400 -4.42 -15.32 -21.01
CA GLY B 400 -3.01 -15.22 -21.33
C GLY B 400 -2.54 -13.78 -21.27
N VAL B 401 -3.39 -12.87 -21.74
CA VAL B 401 -3.11 -11.45 -21.67
C VAL B 401 -2.92 -11.02 -20.22
N LEU B 402 -3.82 -11.48 -19.37
CA LEU B 402 -3.80 -11.12 -17.96
C LEU B 402 -2.57 -11.70 -17.29
N ALA B 403 -2.17 -12.89 -17.72
CA ALA B 403 -1.03 -13.59 -17.14
C ALA B 403 0.31 -12.94 -17.49
N LEU B 404 0.38 -12.43 -18.72
CA LEU B 404 1.57 -11.73 -19.21
C LEU B 404 1.79 -10.43 -18.44
N GLU B 405 0.69 -9.78 -18.05
CA GLU B 405 0.75 -8.55 -17.28
C GLU B 405 1.27 -8.81 -15.86
N SER B 406 1.39 -10.09 -15.51
CA SER B 406 1.88 -10.47 -14.19
C SER B 406 3.40 -10.37 -14.10
N GLU B 407 4.04 -10.47 -15.26
CA GLU B 407 5.48 -10.33 -15.35
C GLU B 407 5.91 -8.98 -14.77
N PRO B 408 7.08 -8.92 -14.13
CA PRO B 408 7.62 -7.65 -13.64
C PRO B 408 8.20 -6.83 -14.78
N VAL B 409 7.93 -5.52 -14.76
CA VAL B 409 8.41 -4.60 -15.78
C VAL B 409 8.57 -3.22 -15.15
N ASP B 410 9.33 -2.34 -15.80
CA ASP B 410 9.37 -0.95 -15.36
C ASP B 410 7.95 -0.39 -15.43
N PRO B 411 7.42 0.04 -14.28
CA PRO B 411 6.04 0.51 -14.22
C PRO B 411 5.86 1.85 -14.96
N ARG B 412 6.90 2.67 -15.01
CA ARG B 412 6.83 4.00 -15.59
C ARG B 412 6.73 3.99 -17.11
N LEU B 413 7.16 2.91 -17.74
CA LEU B 413 7.12 2.86 -19.20
C LEU B 413 6.01 1.97 -19.73
C1 GOL C . -9.03 16.20 7.83
O1 GOL C . -9.69 16.53 9.03
C2 GOL C . -7.68 15.56 8.14
O2 GOL C . -6.66 16.55 8.09
C3 GOL C . -7.39 14.43 7.16
O3 GOL C . -6.08 13.97 7.36
C1 GOL D . -0.67 -1.18 38.35
O1 GOL D . -0.54 -2.18 39.33
C2 GOL D . -1.89 -0.28 38.58
O2 GOL D . -2.90 -0.55 37.62
C3 GOL D . -1.48 1.20 38.51
O3 GOL D . -0.33 1.38 37.72
O1 TAR E . 0.89 -27.83 22.16
O11 TAR E . 1.12 -27.70 24.34
C1 TAR E . 1.41 -28.24 23.23
C2 TAR E . 2.38 -29.39 23.20
O2 TAR E . 3.55 -29.00 22.57
C3 TAR E . 2.70 -29.90 24.57
O3 TAR E . 3.24 -28.88 25.34
C4 TAR E . 3.69 -31.01 24.42
O4 TAR E . 4.93 -30.73 24.33
O41 TAR E . 3.29 -32.21 24.37
O1 TAR F . 4.82 5.57 1.38
O11 TAR F . 5.57 5.96 3.42
C1 TAR F . 5.78 5.64 2.21
C2 TAR F . 7.17 5.35 1.74
O2 TAR F . 8.08 6.21 2.34
C3 TAR F . 7.52 3.92 2.04
O3 TAR F . 8.38 3.86 3.12
C4 TAR F . 8.15 3.29 0.83
O4 TAR F . 9.42 3.18 0.79
O41 TAR F . 7.42 2.89 -0.11
C1 GOL G . -6.40 7.39 -26.92
O1 GOL G . -6.41 7.05 -25.55
C2 GOL G . -5.40 6.53 -27.70
O2 GOL G . -5.92 6.26 -28.99
C3 GOL G . -5.12 5.22 -26.97
O3 GOL G . -4.90 4.16 -27.87
#